data_7VU5
#
_entry.id   7VU5
#
_entity_poly.entity_id   1
_entity_poly.type   'polypeptide(L)'
_entity_poly.pdbx_seq_one_letter_code
;GPSKPFWVLVVVGGVLAFYSLLVTVAFIIFWVRSKRSRLLH
;
_entity_poly.pdbx_strand_id   A,B
#
# COMPACT_ATOMS: atom_id res chain seq x y z
N GLY A 1 -10.83 15.49 29.24
CA GLY A 1 -12.30 15.39 29.45
C GLY A 1 -12.98 14.95 28.14
N PRO A 2 -12.88 15.73 27.06
CA PRO A 2 -13.49 15.37 25.75
C PRO A 2 -12.56 14.51 24.90
N SER A 3 -11.90 13.56 25.51
CA SER A 3 -10.94 12.65 24.77
C SER A 3 -9.79 13.48 24.21
N LYS A 4 -8.63 12.87 24.09
CA LYS A 4 -7.43 13.60 23.55
C LYS A 4 -7.32 13.35 22.04
N PRO A 5 -6.61 14.20 21.29
CA PRO A 5 -6.46 14.02 19.80
C PRO A 5 -5.85 12.66 19.44
N PHE A 6 -5.22 11.99 20.39
CA PHE A 6 -4.61 10.65 20.12
C PHE A 6 -5.62 9.73 19.43
N TRP A 7 -6.90 9.93 19.68
CA TRP A 7 -7.95 9.07 19.07
C TRP A 7 -8.06 9.38 17.58
N VAL A 8 -8.36 10.62 17.23
CA VAL A 8 -8.52 11.01 15.80
C VAL A 8 -7.25 10.66 15.00
N LEU A 9 -6.11 10.60 15.65
CA LEU A 9 -4.83 10.26 14.93
C LEU A 9 -4.79 8.76 14.62
N VAL A 10 -5.07 7.93 15.58
CA VAL A 10 -5.05 6.44 15.36
C VAL A 10 -6.17 6.05 14.39
N VAL A 11 -7.34 6.61 14.58
CA VAL A 11 -8.51 6.27 13.71
C VAL A 11 -8.19 6.62 12.25
N VAL A 12 -7.60 7.77 11.99
CA VAL A 12 -7.28 8.17 10.58
C VAL A 12 -6.14 7.31 10.02
N GLY A 13 -5.01 7.27 10.70
CA GLY A 13 -3.85 6.46 10.20
C GLY A 13 -4.22 4.98 10.12
N GLY A 14 -5.12 4.53 10.96
CA GLY A 14 -5.52 3.08 10.97
C GLY A 14 -6.33 2.73 9.72
N VAL A 15 -7.49 3.33 9.56
CA VAL A 15 -8.36 3.01 8.37
C VAL A 15 -7.64 3.34 7.07
N LEU A 16 -7.02 4.48 7.00
CA LEU A 16 -6.31 4.89 5.74
C LEU A 16 -5.26 3.86 5.36
N ALA A 17 -4.56 3.31 6.33
CA ALA A 17 -3.49 2.30 6.03
C ALA A 17 -4.10 1.01 5.47
N PHE A 18 -5.16 0.51 6.07
CA PHE A 18 -5.78 -0.76 5.59
C PHE A 18 -6.53 -0.52 4.28
N TYR A 19 -7.30 0.54 4.19
CA TYR A 19 -8.09 0.82 2.95
C TYR A 19 -7.15 1.14 1.78
N SER A 20 -6.17 1.99 1.99
CA SER A 20 -5.24 2.37 0.88
C SER A 20 -4.33 1.21 0.51
N LEU A 21 -3.87 0.44 1.48
CA LEU A 21 -2.95 -0.70 1.18
C LEU A 21 -3.68 -1.85 0.48
N LEU A 22 -4.80 -2.27 1.00
CA LEU A 22 -5.55 -3.42 0.38
C LEU A 22 -6.17 -3.01 -0.97
N VAL A 23 -6.73 -1.82 -1.05
CA VAL A 23 -7.38 -1.38 -2.33
C VAL A 23 -6.32 -1.05 -3.38
N THR A 24 -5.30 -0.32 -3.02
CA THR A 24 -4.24 0.08 -4.01
C THR A 24 -3.40 -1.13 -4.40
N VAL A 25 -2.92 -1.90 -3.44
CA VAL A 25 -2.07 -3.09 -3.78
C VAL A 25 -2.89 -4.08 -4.60
N ALA A 26 -4.07 -4.45 -4.14
CA ALA A 26 -4.91 -5.43 -4.89
C ALA A 26 -5.14 -4.92 -6.32
N PHE A 27 -5.26 -3.62 -6.49
CA PHE A 27 -5.48 -3.05 -7.85
C PHE A 27 -4.30 -3.40 -8.75
N ILE A 28 -3.08 -3.29 -8.23
CA ILE A 28 -1.86 -3.60 -9.05
C ILE A 28 -1.86 -5.08 -9.42
N ILE A 29 -2.16 -5.94 -8.46
CA ILE A 29 -2.16 -7.41 -8.72
C ILE A 29 -3.10 -7.74 -9.88
N PHE A 30 -4.27 -7.14 -9.91
CA PHE A 30 -5.25 -7.41 -11.00
C PHE A 30 -4.82 -6.76 -12.31
N TRP A 31 -4.11 -5.65 -12.25
CA TRP A 31 -3.69 -4.94 -13.51
C TRP A 31 -2.68 -5.78 -14.30
N VAL A 32 -1.65 -6.29 -13.67
CA VAL A 32 -0.62 -7.10 -14.42
C VAL A 32 -1.10 -8.53 -14.64
N ARG A 33 -1.83 -9.09 -13.70
CA ARG A 33 -2.33 -10.49 -13.87
C ARG A 33 -3.42 -10.54 -14.93
N SER A 34 -4.30 -9.55 -14.95
CA SER A 34 -5.40 -9.53 -15.96
C SER A 34 -4.84 -9.22 -17.35
N LYS A 35 -3.75 -8.46 -17.41
CA LYS A 35 -3.13 -8.11 -18.73
C LYS A 35 -2.89 -9.37 -19.57
N ARG A 36 -2.69 -10.51 -18.92
CA ARG A 36 -2.45 -11.78 -19.66
C ARG A 36 -3.61 -12.01 -20.64
N SER A 37 -4.83 -11.89 -20.17
CA SER A 37 -6.05 -12.08 -21.04
C SER A 37 -6.24 -13.57 -21.39
N ARG A 38 -5.32 -14.44 -21.02
CA ARG A 38 -5.46 -15.89 -21.35
C ARG A 38 -4.77 -16.73 -20.28
N LEU A 39 -5.12 -17.99 -20.17
CA LEU A 39 -4.50 -18.88 -19.15
C LEU A 39 -4.19 -20.24 -19.82
N LEU A 40 -4.07 -21.31 -19.03
CA LEU A 40 -3.77 -22.67 -19.60
C LEU A 40 -2.35 -22.67 -20.18
N HIS A 41 -1.44 -23.44 -19.61
CA HIS A 41 -0.03 -23.49 -20.13
C HIS A 41 0.37 -24.94 -20.35
N GLY B 1 -2.60 26.17 20.50
CA GLY B 1 -3.67 26.27 19.46
C GLY B 1 -3.14 25.71 18.13
N PRO B 2 -2.11 26.32 17.54
CA PRO B 2 -1.54 25.84 16.26
C PRO B 2 -0.55 24.70 16.46
N SER B 3 -0.92 23.49 16.05
CA SER B 3 -0.01 22.31 16.21
C SER B 3 0.16 21.58 14.87
N LYS B 4 -0.30 22.16 13.77
CA LYS B 4 -0.17 21.50 12.44
C LYS B 4 -0.80 20.08 12.51
N PRO B 5 -2.12 19.96 12.66
CA PRO B 5 -2.81 18.64 12.74
C PRO B 5 -2.99 18.01 11.36
N PHE B 6 -3.50 18.76 10.42
CA PHE B 6 -3.72 18.23 9.03
C PHE B 6 -2.37 17.90 8.40
N TRP B 7 -1.38 18.73 8.63
CA TRP B 7 -0.03 18.50 8.06
C TRP B 7 0.50 17.13 8.49
N VAL B 8 0.41 16.82 9.76
CA VAL B 8 0.92 15.51 10.26
C VAL B 8 0.01 14.37 9.76
N LEU B 9 -1.27 14.60 9.64
CA LEU B 9 -2.20 13.52 9.16
C LEU B 9 -1.82 13.07 7.75
N VAL B 10 -1.49 14.01 6.89
CA VAL B 10 -1.12 13.68 5.47
C VAL B 10 0.32 13.12 5.44
N VAL B 11 1.22 13.79 6.12
CA VAL B 11 2.66 13.35 6.13
C VAL B 11 2.77 11.96 6.76
N VAL B 12 2.10 11.73 7.87
CA VAL B 12 2.18 10.40 8.55
C VAL B 12 1.51 9.33 7.69
N GLY B 13 0.27 9.53 7.29
CA GLY B 13 -0.44 8.51 6.46
C GLY B 13 0.18 8.39 5.07
N GLY B 14 0.77 9.45 4.57
CA GLY B 14 1.38 9.43 3.20
C GLY B 14 2.63 8.54 3.17
N VAL B 15 3.57 8.77 4.06
CA VAL B 15 4.83 7.95 4.07
C VAL B 15 4.55 6.51 4.47
N LEU B 16 3.77 6.31 5.50
CA LEU B 16 3.47 4.92 5.97
C LEU B 16 2.87 4.09 4.84
N ALA B 17 1.92 4.64 4.11
CA ALA B 17 1.28 3.88 2.98
C ALA B 17 2.26 3.73 1.82
N PHE B 18 3.05 4.75 1.53
CA PHE B 18 4.02 4.67 0.39
C PHE B 18 5.15 3.69 0.71
N TYR B 19 5.55 3.60 1.96
CA TYR B 19 6.66 2.68 2.34
C TYR B 19 6.20 1.22 2.23
N SER B 20 5.20 0.84 2.98
CA SER B 20 4.70 -0.58 2.94
C SER B 20 4.19 -0.94 1.55
N LEU B 21 3.60 0.00 0.85
CA LEU B 21 3.04 -0.29 -0.51
C LEU B 21 4.17 -0.42 -1.54
N LEU B 22 5.08 0.52 -1.59
CA LEU B 22 6.17 0.47 -2.62
C LEU B 22 7.07 -0.74 -2.40
N VAL B 23 7.44 -1.02 -1.17
CA VAL B 23 8.34 -2.18 -0.89
C VAL B 23 7.59 -3.50 -1.08
N THR B 24 6.42 -3.64 -0.50
CA THR B 24 5.65 -4.92 -0.61
C THR B 24 5.19 -5.17 -2.06
N VAL B 25 4.66 -4.16 -2.72
CA VAL B 25 4.18 -4.36 -4.13
C VAL B 25 5.36 -4.81 -5.00
N ALA B 26 6.48 -4.14 -4.89
CA ALA B 26 7.68 -4.50 -5.71
C ALA B 26 8.21 -5.87 -5.30
N PHE B 27 8.07 -6.24 -4.05
CA PHE B 27 8.60 -7.56 -3.57
C PHE B 27 7.88 -8.72 -4.25
N ILE B 28 6.56 -8.71 -4.26
CA ILE B 28 5.78 -9.83 -4.88
C ILE B 28 6.00 -9.85 -6.39
N ILE B 29 5.90 -8.73 -7.04
CA ILE B 29 6.08 -8.67 -8.53
C ILE B 29 7.47 -9.22 -8.89
N PHE B 30 8.51 -8.80 -8.21
CA PHE B 30 9.89 -9.29 -8.52
C PHE B 30 10.01 -10.79 -8.22
N TRP B 31 9.28 -11.29 -7.24
CA TRP B 31 9.37 -12.74 -6.89
C TRP B 31 9.04 -13.60 -8.11
N VAL B 32 7.89 -13.38 -8.73
CA VAL B 32 7.51 -14.21 -9.91
C VAL B 32 8.25 -13.71 -11.17
N ARG B 33 8.73 -12.49 -11.16
CA ARG B 33 9.45 -11.95 -12.36
C ARG B 33 10.74 -12.75 -12.58
N SER B 34 11.46 -13.03 -11.51
CA SER B 34 12.74 -13.80 -11.63
C SER B 34 12.44 -15.29 -11.77
N LYS B 35 11.58 -15.83 -10.94
CA LYS B 35 11.24 -17.28 -11.01
C LYS B 35 10.59 -17.60 -12.36
N ARG B 36 9.72 -16.73 -12.82
CA ARG B 36 9.04 -16.96 -14.14
C ARG B 36 9.84 -16.30 -15.27
N SER B 37 11.14 -16.18 -15.10
CA SER B 37 11.99 -15.54 -16.16
C SER B 37 12.77 -16.63 -16.91
N ARG B 38 13.70 -17.28 -16.25
CA ARG B 38 14.51 -18.36 -16.91
C ARG B 38 15.26 -17.78 -18.11
N LEU B 39 14.64 -17.76 -19.29
CA LEU B 39 15.33 -17.21 -20.51
C LEU B 39 16.71 -17.84 -20.67
N LEU B 40 16.92 -19.02 -20.13
CA LEU B 40 18.24 -19.71 -20.24
C LEU B 40 18.01 -21.19 -20.57
N HIS B 41 17.10 -21.46 -21.47
CA HIS B 41 16.80 -22.87 -21.86
C HIS B 41 16.54 -22.95 -23.37
N GLY A 1 -14.65 16.62 25.49
CA GLY A 1 -15.38 16.58 24.19
C GLY A 1 -14.71 15.57 23.25
N PRO A 2 -13.71 15.98 22.46
CA PRO A 2 -13.00 15.05 21.53
C PRO A 2 -11.96 14.19 22.24
N SER A 3 -11.64 13.05 21.67
CA SER A 3 -10.63 12.14 22.29
C SER A 3 -9.24 12.71 22.07
N LYS A 4 -8.24 12.15 22.70
CA LYS A 4 -6.84 12.65 22.55
C LYS A 4 -6.43 12.55 21.06
N PRO A 5 -5.57 13.44 20.56
CA PRO A 5 -5.14 13.40 19.12
C PRO A 5 -4.49 12.09 18.71
N PHE A 6 -3.77 11.45 19.61
CA PHE A 6 -3.09 10.15 19.26
C PHE A 6 -4.12 9.10 18.86
N TRP A 7 -5.25 9.07 19.56
CA TRP A 7 -6.32 8.08 19.24
C TRP A 7 -6.76 8.26 17.78
N VAL A 8 -6.83 9.50 17.33
CA VAL A 8 -7.25 9.79 15.92
C VAL A 8 -6.12 9.40 14.96
N LEU A 9 -4.87 9.52 15.36
CA LEU A 9 -3.74 9.17 14.44
C LEU A 9 -3.80 7.68 14.10
N VAL A 10 -4.08 6.84 15.07
CA VAL A 10 -4.15 5.37 14.81
C VAL A 10 -5.41 5.03 14.00
N VAL A 11 -6.53 5.61 14.35
CA VAL A 11 -7.81 5.31 13.63
C VAL A 11 -7.74 5.86 12.20
N VAL A 12 -7.27 7.08 12.03
CA VAL A 12 -7.18 7.70 10.67
C VAL A 12 -6.17 6.92 9.82
N GLY A 13 -4.98 6.71 10.33
CA GLY A 13 -3.93 5.97 9.55
C GLY A 13 -4.34 4.49 9.40
N GLY A 14 -5.02 3.95 10.37
CA GLY A 14 -5.45 2.51 10.31
C GLY A 14 -6.36 2.29 9.12
N VAL A 15 -7.44 3.02 9.03
CA VAL A 15 -8.40 2.86 7.88
C VAL A 15 -7.72 3.23 6.57
N LEU A 16 -7.02 4.34 6.55
CA LEU A 16 -6.35 4.81 5.29
C LEU A 16 -5.48 3.69 4.73
N ALA A 17 -4.64 3.10 5.54
CA ALA A 17 -3.75 2.01 5.04
C ALA A 17 -4.55 0.72 4.80
N PHE A 18 -5.69 0.58 5.44
CA PHE A 18 -6.50 -0.67 5.28
C PHE A 18 -7.15 -0.72 3.90
N TYR A 19 -7.95 0.26 3.52
CA TYR A 19 -8.63 0.21 2.19
C TYR A 19 -7.69 0.66 1.07
N SER A 20 -6.89 1.66 1.34
CA SER A 20 -5.95 2.17 0.29
C SER A 20 -4.94 1.08 -0.08
N LEU A 21 -4.54 0.25 0.85
CA LEU A 21 -3.54 -0.82 0.55
C LEU A 21 -4.22 -2.01 -0.13
N LEU A 22 -5.33 -2.45 0.41
CA LEU A 22 -6.06 -3.64 -0.16
C LEU A 22 -6.60 -3.31 -1.56
N VAL A 23 -7.13 -2.12 -1.75
CA VAL A 23 -7.71 -1.76 -3.09
C VAL A 23 -6.59 -1.42 -4.08
N THR A 24 -5.67 -0.57 -3.71
CA THR A 24 -4.57 -0.16 -4.64
C THR A 24 -3.69 -1.37 -4.99
N VAL A 25 -3.32 -2.18 -4.01
CA VAL A 25 -2.44 -3.35 -4.29
C VAL A 25 -3.19 -4.32 -5.21
N ALA A 26 -4.36 -4.77 -4.82
CA ALA A 26 -5.14 -5.74 -5.67
C ALA A 26 -5.30 -5.17 -7.09
N PHE A 27 -5.42 -3.87 -7.21
CA PHE A 27 -5.58 -3.25 -8.56
C PHE A 27 -4.39 -3.62 -9.42
N ILE A 28 -3.19 -3.51 -8.89
CA ILE A 28 -1.96 -3.85 -9.67
C ILE A 28 -1.91 -5.36 -9.90
N ILE A 29 -2.24 -6.15 -8.90
CA ILE A 29 -2.22 -7.65 -9.05
C ILE A 29 -3.09 -8.04 -10.25
N PHE A 30 -4.26 -7.42 -10.36
CA PHE A 30 -5.19 -7.73 -11.49
C PHE A 30 -4.64 -7.11 -12.79
N TRP A 31 -3.91 -6.02 -12.71
CA TRP A 31 -3.37 -5.37 -13.95
C TRP A 31 -2.51 -6.36 -14.73
N VAL A 32 -1.62 -7.08 -14.07
CA VAL A 32 -0.75 -8.06 -14.80
C VAL A 32 -1.55 -9.32 -15.15
N ARG A 33 -2.41 -9.76 -14.26
CA ARG A 33 -3.24 -10.99 -14.55
C ARG A 33 -4.04 -10.75 -15.83
N SER A 34 -4.69 -9.62 -15.93
CA SER A 34 -5.50 -9.30 -17.15
C SER A 34 -4.59 -9.15 -18.35
N LYS A 35 -3.40 -8.60 -18.15
CA LYS A 35 -2.44 -8.43 -19.29
C LYS A 35 -2.03 -9.80 -19.82
N ARG A 36 -1.88 -10.77 -18.94
CA ARG A 36 -1.48 -12.14 -19.38
C ARG A 36 -2.24 -13.17 -18.54
N SER A 37 -3.45 -13.49 -18.95
CA SER A 37 -4.29 -14.48 -18.20
C SER A 37 -4.30 -15.81 -18.97
N ARG A 38 -3.12 -16.37 -19.22
CA ARG A 38 -3.04 -17.67 -19.96
C ARG A 38 -2.09 -18.61 -19.20
N LEU A 39 -2.41 -19.88 -19.15
CA LEU A 39 -1.53 -20.87 -18.43
C LEU A 39 -0.84 -21.78 -19.46
N LEU A 40 -0.55 -21.25 -20.63
CA LEU A 40 0.13 -22.07 -21.69
C LEU A 40 1.63 -22.19 -21.41
N HIS A 41 2.16 -21.39 -20.50
CA HIS A 41 3.62 -21.46 -20.16
C HIS A 41 4.44 -21.23 -21.43
N GLY B 1 -2.79 26.05 22.51
CA GLY B 1 -3.68 26.65 21.48
C GLY B 1 -3.26 26.16 20.09
N PRO B 2 -2.18 26.69 19.50
CA PRO B 2 -1.72 26.27 18.14
C PRO B 2 -1.41 24.77 18.08
N SER B 3 -1.67 24.14 16.96
CA SER B 3 -1.39 22.68 16.80
C SER B 3 -1.20 22.35 15.33
N LYS B 4 -2.11 22.80 14.49
CA LYS B 4 -2.02 22.53 13.02
C LYS B 4 -1.96 21.00 12.80
N PRO B 5 -3.06 20.28 13.04
CA PRO B 5 -3.09 18.79 12.85
C PRO B 5 -3.21 18.37 11.38
N PHE B 6 -3.73 19.25 10.54
CA PHE B 6 -3.89 18.93 9.10
C PHE B 6 -2.53 18.64 8.47
N TRP B 7 -1.54 19.47 8.77
CA TRP B 7 -0.18 19.28 8.19
C TRP B 7 0.37 17.93 8.63
N VAL B 8 0.27 17.62 9.90
CA VAL B 8 0.80 16.32 10.43
C VAL B 8 -0.06 15.16 9.91
N LEU B 9 -1.34 15.39 9.70
CA LEU B 9 -2.23 14.30 9.21
C LEU B 9 -1.79 13.83 7.83
N VAL B 10 -1.38 14.73 6.98
CA VAL B 10 -0.95 14.35 5.60
C VAL B 10 0.46 13.74 5.65
N VAL B 11 1.36 14.35 6.40
CA VAL B 11 2.77 13.84 6.50
C VAL B 11 2.77 12.46 7.18
N VAL B 12 2.04 12.31 8.25
CA VAL B 12 2.01 11.00 8.99
C VAL B 12 1.33 9.93 8.11
N GLY B 13 0.14 10.20 7.61
CA GLY B 13 -0.58 9.20 6.76
C GLY B 13 0.17 8.99 5.45
N GLY B 14 0.80 10.01 4.93
CA GLY B 14 1.55 9.91 3.64
C GLY B 14 2.69 8.90 3.75
N VAL B 15 3.59 9.09 4.69
CA VAL B 15 4.75 8.16 4.84
C VAL B 15 4.28 6.74 5.08
N LEU B 16 3.35 6.55 6.01
CA LEU B 16 2.85 5.17 6.33
C LEU B 16 2.48 4.42 5.04
N ALA B 17 1.71 5.04 4.19
CA ALA B 17 1.29 4.37 2.91
C ALA B 17 2.41 4.44 1.88
N PHE B 18 3.33 5.37 2.01
CA PHE B 18 4.44 5.52 1.01
C PHE B 18 5.43 4.35 1.11
N TYR B 19 5.96 4.05 2.28
CA TYR B 19 6.97 2.94 2.37
C TYR B 19 6.26 1.58 2.42
N SER B 20 5.17 1.51 3.13
CA SER B 20 4.41 0.23 3.23
C SER B 20 3.91 -0.21 1.87
N LEU B 21 3.51 0.73 1.03
CA LEU B 21 2.99 0.35 -0.33
C LEU B 21 4.13 0.00 -1.28
N LEU B 22 5.15 0.83 -1.37
CA LEU B 22 6.28 0.55 -2.31
C LEU B 22 7.08 -0.67 -1.84
N VAL B 23 7.29 -0.81 -0.55
CA VAL B 23 8.08 -1.98 -0.01
C VAL B 23 7.26 -3.26 -0.09
N THR B 24 6.05 -3.24 0.40
CA THR B 24 5.19 -4.48 0.38
C THR B 24 4.93 -4.89 -1.07
N VAL B 25 4.55 -3.95 -1.91
CA VAL B 25 4.27 -4.29 -3.34
C VAL B 25 5.55 -4.73 -4.03
N ALA B 26 6.57 -3.89 -4.09
CA ALA B 26 7.84 -4.25 -4.79
C ALA B 26 8.33 -5.64 -4.35
N PHE B 27 8.02 -6.03 -3.13
CA PHE B 27 8.46 -7.38 -2.63
C PHE B 27 7.74 -8.45 -3.45
N ILE B 28 6.43 -8.37 -3.54
CA ILE B 28 5.64 -9.40 -4.32
C ILE B 28 5.95 -9.27 -5.81
N ILE B 29 6.05 -8.06 -6.33
CA ILE B 29 6.36 -7.89 -7.80
C ILE B 29 7.63 -8.65 -8.14
N PHE B 30 8.73 -8.37 -7.47
CA PHE B 30 10.02 -9.07 -7.77
C PHE B 30 9.95 -10.53 -7.32
N TRP B 31 9.25 -10.80 -6.24
CA TRP B 31 9.14 -12.19 -5.72
C TRP B 31 8.59 -13.12 -6.81
N VAL B 32 7.48 -12.77 -7.45
CA VAL B 32 6.91 -13.65 -8.51
C VAL B 32 7.61 -13.37 -9.85
N ARG B 33 7.80 -12.11 -10.18
CA ARG B 33 8.46 -11.74 -11.47
C ARG B 33 9.82 -12.42 -11.57
N SER B 34 10.53 -12.55 -10.46
CA SER B 34 11.88 -13.21 -10.50
C SER B 34 11.72 -14.69 -10.83
N LYS B 35 10.60 -15.29 -10.47
CA LYS B 35 10.37 -16.73 -10.77
C LYS B 35 9.97 -16.91 -12.22
N ARG B 36 9.01 -16.14 -12.69
CA ARG B 36 8.54 -16.25 -14.10
C ARG B 36 9.40 -15.39 -15.02
N SER B 37 10.70 -15.41 -14.81
CA SER B 37 11.63 -14.61 -15.67
C SER B 37 12.58 -15.58 -16.42
N ARG B 38 13.85 -15.67 -16.06
CA ARG B 38 14.80 -16.60 -16.75
C ARG B 38 14.69 -16.39 -18.28
N LEU B 39 15.24 -15.31 -18.78
CA LEU B 39 15.16 -15.01 -20.24
C LEU B 39 16.51 -15.40 -20.89
N LEU B 40 16.97 -14.68 -21.91
CA LEU B 40 18.27 -15.00 -22.60
C LEU B 40 18.08 -16.27 -23.43
N HIS B 41 17.90 -17.42 -22.81
CA HIS B 41 17.71 -18.70 -23.56
C HIS B 41 18.93 -18.93 -24.47
N GLY A 1 -9.95 15.90 28.06
CA GLY A 1 -9.76 16.92 26.99
C GLY A 1 -10.09 16.31 25.62
N PRO A 2 -9.50 16.78 24.53
CA PRO A 2 -9.77 16.24 23.16
C PRO A 2 -9.34 14.77 23.03
N SER A 3 -9.46 14.22 21.86
CA SER A 3 -9.06 12.79 21.63
C SER A 3 -7.55 12.69 21.38
N LYS A 4 -6.81 13.75 21.62
CA LYS A 4 -5.32 13.72 21.40
C LYS A 4 -5.03 13.44 19.91
N PRO A 5 -3.82 13.74 19.41
CA PRO A 5 -3.46 13.50 17.99
C PRO A 5 -3.12 12.02 17.71
N PHE A 6 -2.69 11.31 18.73
CA PHE A 6 -2.31 9.87 18.55
C PHE A 6 -3.56 9.05 18.20
N TRP A 7 -4.66 9.32 18.86
CA TRP A 7 -5.92 8.55 18.58
C TRP A 7 -6.35 8.76 17.13
N VAL A 8 -6.42 10.00 16.70
CA VAL A 8 -6.85 10.29 15.29
C VAL A 8 -5.80 9.76 14.30
N LEU A 9 -4.55 9.85 14.66
CA LEU A 9 -3.45 9.37 13.76
C LEU A 9 -3.59 7.88 13.49
N VAL A 10 -3.92 7.10 14.50
CA VAL A 10 -4.06 5.62 14.32
C VAL A 10 -5.36 5.31 13.55
N VAL A 11 -6.45 5.94 13.93
CA VAL A 11 -7.77 5.66 13.26
C VAL A 11 -7.73 6.17 11.81
N VAL A 12 -7.21 7.37 11.60
CA VAL A 12 -7.15 7.95 10.22
C VAL A 12 -6.15 7.15 9.37
N GLY A 13 -4.94 6.97 9.85
CA GLY A 13 -3.90 6.22 9.07
C GLY A 13 -4.25 4.73 9.00
N GLY A 14 -4.90 4.22 10.02
CA GLY A 14 -5.25 2.76 10.05
C GLY A 14 -6.23 2.44 8.91
N VAL A 15 -7.32 3.18 8.81
CA VAL A 15 -8.33 2.90 7.73
C VAL A 15 -7.70 3.18 6.37
N LEU A 16 -7.00 4.27 6.25
CA LEU A 16 -6.36 4.65 4.95
C LEU A 16 -5.44 3.52 4.49
N ALA A 17 -4.65 2.98 5.39
CA ALA A 17 -3.69 1.88 5.02
C ALA A 17 -4.46 0.61 4.65
N PHE A 18 -5.58 0.35 5.29
CA PHE A 18 -6.36 -0.89 4.99
C PHE A 18 -7.02 -0.79 3.62
N TYR A 19 -7.82 0.23 3.40
CA TYR A 19 -8.54 0.37 2.09
C TYR A 19 -7.56 0.67 0.96
N SER A 20 -6.60 1.54 1.19
CA SER A 20 -5.63 1.91 0.11
C SER A 20 -4.73 0.72 -0.24
N LEU A 21 -4.25 0.00 0.75
CA LEU A 21 -3.34 -1.16 0.47
C LEU A 21 -4.09 -2.30 -0.22
N LEU A 22 -5.22 -2.70 0.30
CA LEU A 22 -5.99 -3.84 -0.30
C LEU A 22 -6.51 -3.45 -1.70
N VAL A 23 -7.03 -2.27 -1.87
CA VAL A 23 -7.58 -1.85 -3.20
C VAL A 23 -6.44 -1.60 -4.19
N THR A 24 -5.44 -0.83 -3.80
CA THR A 24 -4.31 -0.51 -4.73
C THR A 24 -3.47 -1.75 -5.05
N VAL A 25 -3.13 -2.55 -4.06
CA VAL A 25 -2.30 -3.76 -4.30
C VAL A 25 -3.06 -4.73 -5.21
N ALA A 26 -4.32 -4.96 -4.94
CA ALA A 26 -5.13 -5.91 -5.79
C ALA A 26 -5.26 -5.38 -7.21
N PHE A 27 -5.37 -4.07 -7.37
CA PHE A 27 -5.54 -3.48 -8.74
C PHE A 27 -4.29 -3.73 -9.59
N ILE A 28 -3.13 -3.39 -9.11
CA ILE A 28 -1.87 -3.58 -9.91
C ILE A 28 -1.64 -5.07 -10.21
N ILE A 29 -1.67 -5.91 -9.20
CA ILE A 29 -1.43 -7.38 -9.43
C ILE A 29 -2.43 -7.90 -10.46
N PHE A 30 -3.72 -7.69 -10.25
CA PHE A 30 -4.75 -8.20 -11.21
C PHE A 30 -4.60 -7.51 -12.57
N TRP A 31 -4.00 -6.33 -12.61
CA TRP A 31 -3.84 -5.60 -13.91
C TRP A 31 -3.03 -6.46 -14.87
N VAL A 32 -1.91 -7.00 -14.43
CA VAL A 32 -1.06 -7.85 -15.34
C VAL A 32 -1.64 -9.27 -15.43
N ARG A 33 -2.25 -9.76 -14.37
CA ARG A 33 -2.83 -11.14 -14.38
C ARG A 33 -3.90 -11.20 -15.48
N SER A 34 -4.71 -10.19 -15.58
CA SER A 34 -5.78 -10.16 -16.64
C SER A 34 -5.15 -9.95 -18.02
N LYS A 35 -4.05 -9.22 -18.07
CA LYS A 35 -3.37 -8.95 -19.37
C LYS A 35 -2.98 -10.28 -20.02
N ARG A 36 -2.48 -11.21 -19.24
CA ARG A 36 -2.07 -12.54 -19.79
C ARG A 36 -3.29 -13.43 -19.97
N SER A 37 -4.28 -12.94 -20.67
CA SER A 37 -5.52 -13.74 -20.93
C SER A 37 -5.41 -14.49 -22.27
N ARG A 38 -4.27 -14.42 -22.93
CA ARG A 38 -4.08 -15.12 -24.24
C ARG A 38 -3.04 -16.22 -24.08
N LEU A 39 -2.61 -16.81 -25.18
CA LEU A 39 -1.58 -17.91 -25.13
C LEU A 39 -2.16 -19.09 -24.34
N LEU A 40 -2.05 -19.10 -23.03
CA LEU A 40 -2.60 -20.22 -22.20
C LEU A 40 -2.13 -21.57 -22.74
N HIS A 41 -0.83 -21.77 -22.80
CA HIS A 41 -0.26 -23.08 -23.29
C HIS A 41 1.26 -23.07 -23.13
N GLY B 1 -3.35 28.68 19.39
CA GLY B 1 -1.97 28.69 18.83
C GLY B 1 -2.00 28.31 17.35
N PRO B 2 -0.87 28.30 16.65
CA PRO B 2 -0.83 27.93 15.19
C PRO B 2 -0.79 26.42 14.96
N SER B 3 -1.15 25.64 15.96
CA SER B 3 -1.15 24.16 15.83
C SER B 3 -2.31 23.73 14.94
N LYS B 4 -2.11 22.72 14.12
CA LYS B 4 -3.20 22.23 13.21
C LYS B 4 -3.07 20.69 13.07
N PRO B 5 -3.83 19.90 13.85
CA PRO B 5 -3.75 18.40 13.76
C PRO B 5 -3.81 17.91 12.32
N PHE B 6 -4.65 18.52 11.50
CA PHE B 6 -4.78 18.10 10.07
C PHE B 6 -3.40 18.07 9.41
N TRP B 7 -2.56 19.04 9.72
CA TRP B 7 -1.20 19.11 9.10
C TRP B 7 -0.39 17.87 9.47
N VAL B 8 -0.30 17.55 10.75
CA VAL B 8 0.48 16.35 11.19
C VAL B 8 -0.23 15.05 10.77
N LEU B 9 -1.53 15.09 10.59
CA LEU B 9 -2.29 13.86 10.16
C LEU B 9 -1.86 13.46 8.74
N VAL B 10 -1.74 14.43 7.86
CA VAL B 10 -1.35 14.13 6.45
C VAL B 10 0.10 13.65 6.40
N VAL B 11 0.97 14.29 7.15
CA VAL B 11 2.42 13.89 7.14
C VAL B 11 2.57 12.44 7.63
N VAL B 12 1.87 12.06 8.67
CA VAL B 12 1.99 10.66 9.21
C VAL B 12 1.35 9.67 8.23
N GLY B 13 0.14 9.94 7.78
CA GLY B 13 -0.56 9.01 6.84
C GLY B 13 0.17 8.96 5.49
N GLY B 14 0.77 10.06 5.09
CA GLY B 14 1.49 10.11 3.77
C GLY B 14 2.72 9.21 3.77
N VAL B 15 3.64 9.45 4.67
CA VAL B 15 4.89 8.62 4.72
C VAL B 15 4.57 7.16 4.99
N LEU B 16 3.68 6.90 5.92
CA LEU B 16 3.31 5.48 6.26
C LEU B 16 2.77 4.78 5.02
N ALA B 17 2.03 5.47 4.18
CA ALA B 17 1.45 4.83 2.96
C ALA B 17 2.52 4.72 1.86
N PHE B 18 3.39 5.69 1.75
CA PHE B 18 4.45 5.65 0.69
C PHE B 18 5.49 4.57 1.01
N TYR B 19 5.98 4.54 2.23
CA TYR B 19 7.02 3.53 2.61
C TYR B 19 6.42 2.12 2.62
N SER B 20 5.22 1.97 3.13
CA SER B 20 4.58 0.62 3.19
C SER B 20 4.15 0.17 1.79
N LEU B 21 3.56 1.06 1.02
CA LEU B 21 3.07 0.68 -0.34
C LEU B 21 4.26 0.34 -1.26
N LEU B 22 5.26 1.19 -1.32
CA LEU B 22 6.43 0.93 -2.22
C LEU B 22 7.19 -0.33 -1.78
N VAL B 23 7.41 -0.48 -0.50
CA VAL B 23 8.19 -1.67 0.00
C VAL B 23 7.33 -2.94 -0.11
N THR B 24 6.10 -2.89 0.32
CA THR B 24 5.21 -4.11 0.27
C THR B 24 4.89 -4.48 -1.17
N VAL B 25 4.51 -3.52 -1.99
CA VAL B 25 4.16 -3.81 -3.42
C VAL B 25 5.40 -4.36 -4.14
N ALA B 26 6.52 -3.71 -4.00
CA ALA B 26 7.77 -4.18 -4.67
C ALA B 26 8.14 -5.58 -4.20
N PHE B 27 7.82 -5.92 -2.97
CA PHE B 27 8.18 -7.27 -2.42
C PHE B 27 7.35 -8.38 -3.10
N ILE B 28 6.04 -8.22 -3.14
CA ILE B 28 5.16 -9.27 -3.74
C ILE B 28 5.45 -9.43 -5.24
N ILE B 29 5.51 -8.34 -5.97
CA ILE B 29 5.76 -8.44 -7.45
C ILE B 29 7.09 -9.16 -7.69
N PHE B 30 8.15 -8.73 -7.05
CA PHE B 30 9.49 -9.39 -7.27
C PHE B 30 9.42 -10.88 -6.88
N TRP B 31 8.51 -11.26 -6.00
CA TRP B 31 8.42 -12.69 -5.57
C TRP B 31 7.93 -13.58 -6.72
N VAL B 32 6.80 -13.27 -7.31
CA VAL B 32 6.29 -14.14 -8.44
C VAL B 32 6.96 -13.74 -9.76
N ARG B 33 7.31 -12.48 -9.93
CA ARG B 33 7.96 -12.03 -11.19
C ARG B 33 9.33 -12.69 -11.31
N SER B 34 10.05 -12.79 -10.21
CA SER B 34 11.42 -13.43 -10.25
C SER B 34 11.29 -14.87 -10.71
N LYS B 35 10.28 -15.57 -10.26
CA LYS B 35 10.09 -17.01 -10.65
C LYS B 35 9.75 -17.08 -12.14
N ARG B 36 8.90 -16.20 -12.61
CA ARG B 36 8.50 -16.19 -14.06
C ARG B 36 9.55 -15.44 -14.90
N SER B 37 10.50 -14.77 -14.28
CA SER B 37 11.54 -14.02 -15.06
C SER B 37 12.86 -14.82 -15.10
N ARG B 38 12.78 -16.12 -14.95
CA ARG B 38 14.03 -16.96 -14.99
C ARG B 38 14.65 -16.89 -16.37
N LEU B 39 13.83 -16.90 -17.41
CA LEU B 39 14.33 -16.82 -18.82
C LEU B 39 15.16 -18.07 -19.15
N LEU B 40 14.99 -18.64 -20.32
CA LEU B 40 15.77 -19.86 -20.72
C LEU B 40 15.55 -20.96 -19.67
N HIS B 41 14.62 -21.87 -19.92
CA HIS B 41 14.34 -22.98 -18.94
C HIS B 41 13.80 -22.39 -17.65
N GLY A 1 -8.39 20.40 22.99
CA GLY A 1 -7.59 19.13 23.07
C GLY A 1 -8.53 17.95 23.34
N PRO A 2 -9.37 17.55 22.39
CA PRO A 2 -10.32 16.40 22.58
C PRO A 2 -9.59 15.06 22.57
N SER A 3 -9.47 14.44 23.72
CA SER A 3 -8.79 13.11 23.82
C SER A 3 -7.38 13.22 23.22
N LYS A 4 -6.64 12.12 23.23
CA LYS A 4 -5.25 12.14 22.67
C LYS A 4 -5.32 11.99 21.15
N PRO A 5 -4.38 12.58 20.39
CA PRO A 5 -4.37 12.46 18.90
C PRO A 5 -3.80 11.12 18.41
N PHE A 6 -3.21 10.36 19.31
CA PHE A 6 -2.62 9.03 18.92
C PHE A 6 -3.72 8.12 18.40
N TRP A 7 -4.85 8.08 19.07
CA TRP A 7 -5.98 7.20 18.65
C TRP A 7 -6.40 7.54 17.22
N VAL A 8 -6.69 8.79 16.95
CA VAL A 8 -7.11 9.21 15.57
C VAL A 8 -5.96 8.99 14.58
N LEU A 9 -4.75 9.19 15.03
CA LEU A 9 -3.56 9.03 14.12
C LEU A 9 -3.50 7.61 13.57
N VAL A 10 -3.78 6.62 14.39
CA VAL A 10 -3.73 5.19 13.91
C VAL A 10 -4.97 4.89 13.05
N VAL A 11 -6.13 5.35 13.46
CA VAL A 11 -7.39 5.09 12.70
C VAL A 11 -7.31 5.77 11.33
N VAL A 12 -6.86 7.00 11.29
CA VAL A 12 -6.78 7.75 9.99
C VAL A 12 -5.68 7.13 9.10
N GLY A 13 -4.48 6.99 9.62
CA GLY A 13 -3.36 6.41 8.80
C GLY A 13 -3.64 4.93 8.49
N GLY A 14 -4.34 4.24 9.37
CA GLY A 14 -4.63 2.79 9.17
C GLY A 14 -5.56 2.58 7.96
N VAL A 15 -6.71 3.22 7.96
CA VAL A 15 -7.69 3.03 6.83
C VAL A 15 -7.07 3.51 5.51
N LEU A 16 -6.43 4.65 5.52
CA LEU A 16 -5.82 5.20 4.26
C LEU A 16 -4.84 4.20 3.67
N ALA A 17 -3.98 3.63 4.49
CA ALA A 17 -2.96 2.65 3.97
C ALA A 17 -3.63 1.31 3.63
N PHE A 18 -4.51 0.83 4.49
CA PHE A 18 -5.19 -0.49 4.24
C PHE A 18 -6.01 -0.43 2.95
N TYR A 19 -6.74 0.64 2.75
CA TYR A 19 -7.60 0.76 1.52
C TYR A 19 -6.70 0.88 0.29
N SER A 20 -5.89 1.89 0.22
CA SER A 20 -5.01 2.10 -0.97
C SER A 20 -4.11 0.87 -1.21
N LEU A 21 -3.50 0.36 -0.17
CA LEU A 21 -2.58 -0.82 -0.33
C LEU A 21 -3.32 -2.01 -0.94
N LEU A 22 -4.43 -2.41 -0.35
CA LEU A 22 -5.18 -3.60 -0.88
C LEU A 22 -5.72 -3.35 -2.28
N VAL A 23 -6.31 -2.19 -2.52
CA VAL A 23 -6.89 -1.89 -3.86
C VAL A 23 -5.79 -1.76 -4.92
N THR A 24 -4.68 -1.13 -4.58
CA THR A 24 -3.59 -0.93 -5.58
C THR A 24 -2.99 -2.26 -6.04
N VAL A 25 -2.49 -3.10 -5.15
CA VAL A 25 -1.88 -4.40 -5.61
C VAL A 25 -2.95 -5.32 -6.15
N ALA A 26 -4.10 -5.38 -5.49
CA ALA A 26 -5.22 -6.26 -5.97
C ALA A 26 -5.46 -6.03 -7.46
N PHE A 27 -5.29 -4.80 -7.90
CA PHE A 27 -5.50 -4.47 -9.35
C PHE A 27 -4.34 -5.00 -10.18
N ILE A 28 -3.12 -4.82 -9.73
CA ILE A 28 -1.93 -5.29 -10.52
C ILE A 28 -2.06 -6.77 -10.83
N ILE A 29 -2.32 -7.59 -9.82
CA ILE A 29 -2.44 -9.05 -10.04
C ILE A 29 -3.62 -9.30 -11.01
N PHE A 30 -4.76 -8.69 -10.75
CA PHE A 30 -5.96 -8.90 -11.62
C PHE A 30 -5.69 -8.39 -13.05
N TRP A 31 -4.84 -7.41 -13.20
CA TRP A 31 -4.56 -6.85 -14.57
C TRP A 31 -3.96 -7.94 -15.47
N VAL A 32 -2.91 -8.61 -15.02
CA VAL A 32 -2.28 -9.69 -15.86
C VAL A 32 -3.09 -10.99 -15.75
N ARG A 33 -3.71 -11.23 -14.61
CA ARG A 33 -4.51 -12.49 -14.43
C ARG A 33 -5.56 -12.57 -15.53
N SER A 34 -6.20 -11.46 -15.84
CA SER A 34 -7.24 -11.45 -16.91
C SER A 34 -6.60 -11.80 -18.25
N LYS A 35 -5.39 -11.33 -18.49
CA LYS A 35 -4.70 -11.61 -19.78
C LYS A 35 -4.45 -13.12 -19.91
N ARG A 36 -3.80 -13.71 -18.92
CA ARG A 36 -3.50 -15.17 -18.96
C ARG A 36 -4.60 -15.93 -18.19
N SER A 37 -5.81 -15.84 -18.67
CA SER A 37 -6.94 -16.56 -18.00
C SER A 37 -7.13 -17.94 -18.64
N ARG A 38 -6.06 -18.54 -19.12
CA ARG A 38 -6.14 -19.89 -19.76
C ARG A 38 -4.98 -20.75 -19.23
N LEU A 39 -5.16 -21.36 -18.07
CA LEU A 39 -4.08 -22.22 -17.48
C LEU A 39 -3.86 -23.43 -18.39
N LEU A 40 -4.93 -24.04 -18.85
CA LEU A 40 -4.80 -25.23 -19.74
C LEU A 40 -3.95 -26.30 -19.04
N HIS A 41 -4.56 -27.09 -18.18
CA HIS A 41 -3.81 -28.16 -17.45
C HIS A 41 -3.85 -29.46 -18.26
N GLY B 1 -9.21 30.08 19.24
CA GLY B 1 -8.31 28.91 19.05
C GLY B 1 -8.46 28.39 17.60
N PRO B 2 -7.67 28.89 16.65
CA PRO B 2 -7.76 28.43 15.23
C PRO B 2 -7.21 27.02 15.05
N SER B 3 -7.49 26.41 13.91
CA SER B 3 -7.01 25.03 13.63
C SER B 3 -5.48 25.04 13.48
N LYS B 4 -4.86 23.89 13.48
CA LYS B 4 -3.37 23.81 13.34
C LYS B 4 -2.93 22.34 13.27
N PRO B 5 -3.32 21.47 14.22
CA PRO B 5 -2.89 20.03 14.21
C PRO B 5 -3.23 19.31 12.90
N PHE B 6 -4.06 19.90 12.06
CA PHE B 6 -4.45 19.24 10.78
C PHE B 6 -3.19 18.92 9.95
N TRP B 7 -2.22 19.81 9.96
CA TRP B 7 -0.97 19.58 9.17
C TRP B 7 -0.23 18.35 9.68
N VAL B 8 0.05 18.29 10.97
CA VAL B 8 0.79 17.12 11.54
C VAL B 8 -0.02 15.83 11.33
N LEU B 9 -1.33 15.92 11.25
CA LEU B 9 -2.17 14.71 11.02
C LEU B 9 -1.89 14.13 9.64
N VAL B 10 -1.79 14.99 8.64
CA VAL B 10 -1.53 14.53 7.24
C VAL B 10 -0.10 14.02 7.12
N VAL B 11 0.86 14.68 7.73
CA VAL B 11 2.29 14.25 7.62
C VAL B 11 2.45 12.82 8.16
N VAL B 12 1.91 12.50 9.32
CA VAL B 12 2.06 11.11 9.87
C VAL B 12 1.42 10.12 8.90
N GLY B 13 0.21 10.40 8.45
CA GLY B 13 -0.50 9.48 7.51
C GLY B 13 0.19 9.45 6.15
N GLY B 14 0.89 10.52 5.79
CA GLY B 14 1.58 10.57 4.46
C GLY B 14 2.77 9.63 4.41
N VAL B 15 3.71 9.77 5.34
CA VAL B 15 4.93 8.89 5.33
C VAL B 15 4.54 7.44 5.59
N LEU B 16 3.63 7.20 6.50
CA LEU B 16 3.22 5.79 6.82
C LEU B 16 2.62 5.13 5.59
N ALA B 17 1.78 5.83 4.86
CA ALA B 17 1.15 5.25 3.63
C ALA B 17 2.18 5.13 2.52
N PHE B 18 2.96 6.18 2.28
CA PHE B 18 3.97 6.14 1.19
C PHE B 18 4.98 5.01 1.43
N TYR B 19 5.56 4.96 2.61
CA TYR B 19 6.57 3.89 2.91
C TYR B 19 5.91 2.52 2.89
N SER B 20 4.83 2.34 3.62
CA SER B 20 4.14 1.02 3.67
C SER B 20 3.76 0.55 2.27
N LEU B 21 3.31 1.44 1.41
CA LEU B 21 2.89 1.04 0.03
C LEU B 21 4.10 0.60 -0.80
N LEU B 22 5.03 1.48 -1.03
CA LEU B 22 6.22 1.14 -1.88
C LEU B 22 6.95 -0.09 -1.34
N VAL B 23 6.94 -0.31 -0.04
CA VAL B 23 7.67 -1.49 0.54
C VAL B 23 6.93 -2.80 0.25
N THR B 24 5.68 -2.92 0.64
CA THR B 24 4.94 -4.21 0.41
C THR B 24 4.55 -4.34 -1.06
N VAL B 25 4.13 -3.26 -1.70
CA VAL B 25 3.73 -3.33 -3.14
C VAL B 25 4.94 -3.76 -3.98
N ALA B 26 6.09 -3.18 -3.74
CA ALA B 26 7.31 -3.54 -4.52
C ALA B 26 7.77 -4.95 -4.19
N PHE B 27 7.69 -5.35 -2.94
CA PHE B 27 8.15 -6.72 -2.54
C PHE B 27 7.24 -7.79 -3.15
N ILE B 28 5.94 -7.70 -2.94
CA ILE B 28 4.99 -8.74 -3.47
C ILE B 28 5.17 -8.92 -4.98
N ILE B 29 5.14 -7.84 -5.77
CA ILE B 29 5.30 -7.99 -7.25
C ILE B 29 6.65 -8.67 -7.56
N PHE B 30 7.73 -8.16 -7.02
CA PHE B 30 9.09 -8.76 -7.27
C PHE B 30 9.19 -10.14 -6.61
N TRP B 31 8.35 -10.42 -5.63
CA TRP B 31 8.40 -11.72 -4.89
C TRP B 31 7.92 -12.88 -5.78
N VAL B 32 6.86 -12.68 -6.55
CA VAL B 32 6.34 -13.79 -7.42
C VAL B 32 7.17 -13.94 -8.70
N ARG B 33 7.53 -12.84 -9.33
CA ARG B 33 8.34 -12.93 -10.60
C ARG B 33 9.73 -13.49 -10.32
N SER B 34 10.30 -13.16 -9.17
CA SER B 34 11.69 -13.65 -8.82
C SER B 34 11.78 -15.16 -9.08
N LYS B 35 10.73 -15.88 -8.80
CA LYS B 35 10.73 -17.36 -9.04
C LYS B 35 10.77 -17.61 -10.54
N ARG B 36 9.98 -16.89 -11.30
CA ARG B 36 9.94 -17.07 -12.78
C ARG B 36 9.93 -15.71 -13.48
N SER B 37 11.07 -15.10 -13.63
CA SER B 37 11.16 -13.76 -14.31
C SER B 37 12.09 -13.86 -15.52
N ARG B 38 12.18 -15.02 -16.13
CA ARG B 38 13.06 -15.22 -17.33
C ARG B 38 12.48 -16.32 -18.20
N LEU B 39 13.01 -16.47 -19.41
CA LEU B 39 12.51 -17.52 -20.34
C LEU B 39 13.70 -18.29 -20.90
N LEU B 40 14.39 -19.02 -20.06
CA LEU B 40 15.60 -19.80 -20.50
C LEU B 40 15.32 -21.30 -20.34
N HIS B 41 15.13 -21.75 -19.12
CA HIS B 41 14.85 -23.21 -18.86
C HIS B 41 16.06 -24.04 -19.28
N GLY A 1 -10.38 22.64 23.12
CA GLY A 1 -11.42 21.57 23.18
C GLY A 1 -10.89 20.38 24.00
N PRO A 2 -11.75 19.60 24.64
CA PRO A 2 -11.31 18.42 25.45
C PRO A 2 -11.18 17.16 24.60
N SER A 3 -9.99 16.89 24.11
CA SER A 3 -9.78 15.68 23.26
C SER A 3 -8.28 15.42 23.13
N LYS A 4 -7.91 14.23 22.69
CA LYS A 4 -6.46 13.89 22.53
C LYS A 4 -6.17 13.68 21.03
N PRO A 5 -5.05 14.18 20.47
CA PRO A 5 -4.72 14.01 19.03
C PRO A 5 -4.16 12.63 18.69
N PHE A 6 -3.90 11.79 19.68
CA PHE A 6 -3.33 10.43 19.39
C PHE A 6 -4.42 9.50 18.85
N TRP A 7 -5.67 9.73 19.22
CA TRP A 7 -6.79 8.88 18.74
C TRP A 7 -7.04 9.15 17.25
N VAL A 8 -7.14 10.40 16.89
CA VAL A 8 -7.39 10.79 15.47
C VAL A 8 -6.26 10.28 14.56
N LEU A 9 -5.08 10.12 15.09
CA LEU A 9 -3.91 9.64 14.27
C LEU A 9 -3.94 8.13 14.08
N VAL A 10 -4.33 7.38 15.09
CA VAL A 10 -4.33 5.88 14.98
C VAL A 10 -5.42 5.40 14.01
N VAL A 11 -6.65 5.85 14.14
CA VAL A 11 -7.73 5.35 13.22
C VAL A 11 -7.55 5.92 11.82
N VAL A 12 -7.25 7.20 11.69
CA VAL A 12 -7.08 7.81 10.33
C VAL A 12 -5.95 7.07 9.59
N GLY A 13 -4.81 6.90 10.24
CA GLY A 13 -3.67 6.20 9.59
C GLY A 13 -4.01 4.71 9.36
N GLY A 14 -4.88 4.17 10.18
CA GLY A 14 -5.27 2.72 10.05
C GLY A 14 -6.16 2.50 8.83
N VAL A 15 -7.33 3.11 8.81
CA VAL A 15 -8.28 2.91 7.66
C VAL A 15 -7.61 3.31 6.35
N LEU A 16 -6.93 4.44 6.34
CA LEU A 16 -6.27 4.92 5.09
C LEU A 16 -5.27 3.87 4.60
N ALA A 17 -4.57 3.22 5.50
CA ALA A 17 -3.56 2.18 5.10
C ALA A 17 -4.26 0.91 4.60
N PHE A 18 -5.33 0.50 5.24
CA PHE A 18 -6.03 -0.76 4.82
C PHE A 18 -6.81 -0.53 3.52
N TYR A 19 -7.54 0.55 3.43
CA TYR A 19 -8.34 0.83 2.19
C TYR A 19 -7.42 1.11 1.01
N SER A 20 -6.44 1.97 1.19
CA SER A 20 -5.51 2.32 0.07
C SER A 20 -4.64 1.13 -0.32
N LEU A 21 -4.11 0.42 0.66
CA LEU A 21 -3.22 -0.75 0.35
C LEU A 21 -4.00 -1.89 -0.30
N LEU A 22 -5.11 -2.29 0.27
CA LEU A 22 -5.88 -3.43 -0.32
C LEU A 22 -6.46 -3.07 -1.69
N VAL A 23 -7.00 -1.88 -1.82
CA VAL A 23 -7.61 -1.46 -3.13
C VAL A 23 -6.51 -1.19 -4.17
N THR A 24 -5.51 -0.43 -3.82
CA THR A 24 -4.42 -0.10 -4.78
C THR A 24 -3.60 -1.35 -5.14
N VAL A 25 -3.22 -2.12 -4.16
CA VAL A 25 -2.39 -3.35 -4.44
C VAL A 25 -3.23 -4.38 -5.19
N ALA A 26 -4.42 -4.67 -4.71
CA ALA A 26 -5.30 -5.68 -5.40
C ALA A 26 -5.51 -5.30 -6.85
N PHE A 27 -5.59 -4.02 -7.14
CA PHE A 27 -5.81 -3.55 -8.54
C PHE A 27 -4.61 -3.92 -9.41
N ILE A 28 -3.40 -3.59 -8.98
CA ILE A 28 -2.18 -3.89 -9.80
C ILE A 28 -2.06 -5.41 -10.05
N ILE A 29 -2.12 -6.23 -9.02
CA ILE A 29 -1.99 -7.71 -9.24
C ILE A 29 -3.07 -8.16 -10.24
N PHE A 30 -4.33 -7.91 -9.96
CA PHE A 30 -5.43 -8.33 -10.88
C PHE A 30 -5.28 -7.63 -12.24
N TRP A 31 -4.68 -6.46 -12.25
CA TRP A 31 -4.52 -5.69 -13.53
C TRP A 31 -3.61 -6.47 -14.50
N VAL A 32 -2.43 -6.87 -14.08
CA VAL A 32 -1.52 -7.63 -15.01
C VAL A 32 -1.92 -9.11 -15.03
N ARG A 33 -2.43 -9.64 -13.94
CA ARG A 33 -2.84 -11.08 -13.89
C ARG A 33 -3.81 -11.36 -15.03
N SER A 34 -4.74 -10.45 -15.28
CA SER A 34 -5.73 -10.64 -16.39
C SER A 34 -5.03 -10.43 -17.73
N LYS A 35 -4.17 -9.45 -17.80
CA LYS A 35 -3.44 -9.15 -19.08
C LYS A 35 -2.58 -10.34 -19.50
N ARG A 36 -2.11 -11.13 -18.55
CA ARG A 36 -1.23 -12.30 -18.88
C ARG A 36 -1.93 -13.19 -19.91
N SER A 37 -3.19 -13.54 -19.66
CA SER A 37 -3.94 -14.40 -20.61
C SER A 37 -3.24 -15.74 -20.72
N ARG A 38 -3.94 -16.72 -21.22
CA ARG A 38 -3.37 -18.10 -21.39
C ARG A 38 -3.00 -18.65 -20.01
N LEU A 39 -3.98 -19.13 -19.28
CA LEU A 39 -3.73 -19.69 -17.91
C LEU A 39 -2.88 -20.97 -18.00
N LEU A 40 -2.86 -21.60 -19.16
CA LEU A 40 -2.04 -22.86 -19.32
C LEU A 40 -0.57 -22.48 -19.53
N HIS A 41 0.18 -22.37 -18.45
CA HIS A 41 1.64 -22.00 -18.55
C HIS A 41 1.76 -20.62 -19.21
N GLY B 1 -1.77 29.37 20.49
CA GLY B 1 -1.87 27.89 20.66
C GLY B 1 -1.81 27.21 19.29
N PRO B 2 -0.72 27.34 18.54
CA PRO B 2 -0.58 26.71 17.19
C PRO B 2 -0.33 25.21 17.28
N SER B 3 -1.28 24.41 16.85
CA SER B 3 -1.10 22.92 16.90
C SER B 3 -1.22 22.36 15.48
N LYS B 4 -2.33 22.63 14.83
CA LYS B 4 -2.55 22.13 13.44
C LYS B 4 -2.42 20.58 13.42
N PRO B 5 -3.33 19.86 14.06
CA PRO B 5 -3.27 18.36 14.09
C PRO B 5 -3.50 17.73 12.71
N PHE B 6 -4.19 18.43 11.84
CA PHE B 6 -4.46 17.90 10.47
C PHE B 6 -3.16 17.82 9.67
N TRP B 7 -2.25 18.76 9.88
CA TRP B 7 -0.95 18.76 9.12
C TRP B 7 -0.22 17.43 9.36
N VAL B 8 0.01 17.09 10.61
CA VAL B 8 0.72 15.81 10.93
C VAL B 8 -0.09 14.62 10.44
N LEU B 9 -1.39 14.75 10.44
CA LEU B 9 -2.29 13.64 9.99
C LEU B 9 -1.92 13.23 8.56
N VAL B 10 -1.81 14.19 7.67
CA VAL B 10 -1.47 13.89 6.24
C VAL B 10 -0.02 13.42 6.13
N VAL B 11 0.89 14.08 6.80
CA VAL B 11 2.34 13.70 6.72
C VAL B 11 2.53 12.27 7.23
N VAL B 12 1.94 11.93 8.35
CA VAL B 12 2.09 10.56 8.93
C VAL B 12 1.50 9.53 7.95
N GLY B 13 0.29 9.76 7.49
CA GLY B 13 -0.36 8.81 6.53
C GLY B 13 0.36 8.83 5.18
N GLY B 14 1.04 9.92 4.87
CA GLY B 14 1.76 10.03 3.57
C GLY B 14 2.97 9.10 3.54
N VAL B 15 3.93 9.31 4.41
CA VAL B 15 5.17 8.45 4.43
C VAL B 15 4.80 7.00 4.65
N LEU B 16 3.94 6.73 5.59
CA LEU B 16 3.54 5.31 5.90
C LEU B 16 2.94 4.65 4.65
N ALA B 17 2.16 5.38 3.89
CA ALA B 17 1.53 4.79 2.66
C ALA B 17 2.56 4.56 1.56
N PHE B 18 3.48 5.49 1.38
CA PHE B 18 4.52 5.34 0.30
C PHE B 18 5.50 4.21 0.64
N TYR B 19 6.08 4.25 1.82
CA TYR B 19 7.08 3.20 2.22
C TYR B 19 6.42 1.82 2.28
N SER B 20 5.26 1.71 2.88
CA SER B 20 4.58 0.39 3.00
C SER B 20 4.08 -0.08 1.64
N LEU B 21 3.49 0.80 0.86
CA LEU B 21 2.94 0.39 -0.48
C LEU B 21 4.08 0.06 -1.44
N LEU B 22 5.09 0.90 -1.52
CA LEU B 22 6.22 0.65 -2.47
C LEU B 22 6.99 -0.60 -2.06
N VAL B 23 7.31 -0.75 -0.79
CA VAL B 23 8.09 -1.95 -0.33
C VAL B 23 7.23 -3.21 -0.46
N THR B 24 6.01 -3.19 0.03
CA THR B 24 5.13 -4.40 -0.05
C THR B 24 4.85 -4.75 -1.51
N VAL B 25 4.48 -3.77 -2.31
CA VAL B 25 4.19 -4.05 -3.75
C VAL B 25 5.46 -4.58 -4.43
N ALA B 26 6.55 -3.87 -4.35
CA ALA B 26 7.82 -4.32 -4.99
C ALA B 26 8.17 -5.74 -4.53
N PHE B 27 7.79 -6.11 -3.32
CA PHE B 27 8.11 -7.49 -2.81
C PHE B 27 7.33 -8.53 -3.59
N ILE B 28 6.03 -8.35 -3.77
CA ILE B 28 5.19 -9.35 -4.50
C ILE B 28 5.67 -9.46 -5.95
N ILE B 29 5.85 -8.35 -6.64
CA ILE B 29 6.30 -8.42 -8.07
C ILE B 29 7.64 -9.16 -8.12
N PHE B 30 8.64 -8.70 -7.38
CA PHE B 30 9.98 -9.37 -7.38
C PHE B 30 9.85 -10.80 -6.84
N TRP B 31 8.93 -11.03 -5.94
CA TRP B 31 8.75 -12.39 -5.33
C TRP B 31 8.56 -13.41 -6.47
N VAL B 32 7.65 -13.17 -7.40
CA VAL B 32 7.46 -14.13 -8.54
C VAL B 32 8.47 -13.83 -9.65
N ARG B 33 8.86 -12.58 -9.82
CA ARG B 33 9.86 -12.22 -10.89
C ARG B 33 11.14 -13.02 -10.66
N SER B 34 11.51 -13.26 -9.41
CA SER B 34 12.77 -14.02 -9.11
C SER B 34 12.78 -15.33 -9.91
N LYS B 35 11.63 -15.95 -10.08
CA LYS B 35 11.55 -17.21 -10.87
C LYS B 35 11.65 -16.87 -12.35
N ARG B 36 10.97 -15.84 -12.77
CA ARG B 36 10.98 -15.41 -14.21
C ARG B 36 12.42 -15.07 -14.66
N SER B 37 13.36 -14.94 -13.75
CA SER B 37 14.77 -14.62 -14.14
C SER B 37 15.58 -15.92 -14.26
N ARG B 38 14.94 -16.99 -14.68
CA ARG B 38 15.62 -18.30 -14.84
C ARG B 38 15.45 -18.77 -16.30
N LEU B 39 16.28 -18.29 -17.19
CA LEU B 39 16.18 -18.70 -18.63
C LEU B 39 16.72 -20.12 -18.80
N LEU B 40 18.01 -20.31 -18.71
CA LEU B 40 18.63 -21.67 -18.87
C LEU B 40 18.20 -22.27 -20.22
N HIS B 41 17.12 -23.03 -20.28
CA HIS B 41 16.65 -23.63 -21.56
C HIS B 41 17.77 -24.48 -22.16
N GLY A 1 -8.13 18.07 22.50
CA GLY A 1 -8.99 17.94 23.70
C GLY A 1 -9.47 16.48 23.83
N PRO A 2 -10.55 16.08 23.13
CA PRO A 2 -11.08 14.68 23.21
C PRO A 2 -10.02 13.65 22.84
N SER A 3 -9.70 12.75 23.76
CA SER A 3 -8.67 11.70 23.49
C SER A 3 -7.36 12.35 23.03
N LYS A 4 -6.37 11.55 22.74
CA LYS A 4 -5.05 12.11 22.28
C LYS A 4 -4.99 12.03 20.74
N PRO A 5 -4.26 12.92 20.07
CA PRO A 5 -4.15 12.89 18.58
C PRO A 5 -3.42 11.65 18.07
N PHE A 6 -2.51 11.11 18.87
CA PHE A 6 -1.75 9.89 18.45
C PHE A 6 -2.71 8.71 18.31
N TRP A 7 -3.64 8.57 19.23
CA TRP A 7 -4.60 7.42 19.17
C TRP A 7 -5.41 7.51 17.87
N VAL A 8 -6.05 8.64 17.65
CA VAL A 8 -6.86 8.83 16.41
C VAL A 8 -5.95 8.82 15.17
N LEU A 9 -4.70 9.20 15.33
CA LEU A 9 -3.75 9.22 14.17
C LEU A 9 -3.50 7.79 13.68
N VAL A 10 -3.32 6.86 14.59
CA VAL A 10 -3.07 5.44 14.19
C VAL A 10 -4.30 4.89 13.47
N VAL A 11 -5.48 5.17 13.98
CA VAL A 11 -6.73 4.65 13.32
C VAL A 11 -6.85 5.24 11.91
N VAL A 12 -6.61 6.52 11.77
CA VAL A 12 -6.70 7.19 10.43
C VAL A 12 -5.60 6.63 9.51
N GLY A 13 -4.40 6.47 10.02
CA GLY A 13 -3.28 5.94 9.19
C GLY A 13 -3.52 4.46 8.85
N GLY A 14 -4.14 3.73 9.75
CA GLY A 14 -4.40 2.28 9.51
C GLY A 14 -5.32 2.07 8.31
N VAL A 15 -6.46 2.72 8.31
CA VAL A 15 -7.43 2.55 7.17
C VAL A 15 -6.80 3.01 5.86
N LEU A 16 -6.16 4.17 5.85
CA LEU A 16 -5.53 4.71 4.60
C LEU A 16 -4.67 3.63 3.94
N ALA A 17 -3.81 3.00 4.71
CA ALA A 17 -2.92 1.93 4.13
C ALA A 17 -3.69 0.62 3.97
N PHE A 18 -4.75 0.43 4.72
CA PHE A 18 -5.52 -0.86 4.62
C PHE A 18 -6.20 -0.99 3.27
N TYR A 19 -7.01 -0.03 2.86
CA TYR A 19 -7.70 -0.15 1.53
C TYR A 19 -6.75 0.19 0.40
N SER A 20 -5.88 1.14 0.62
CA SER A 20 -4.90 1.54 -0.43
C SER A 20 -4.07 0.34 -0.85
N LEU A 21 -3.69 -0.50 0.09
CA LEU A 21 -2.85 -1.71 -0.24
C LEU A 21 -3.67 -2.73 -1.03
N LEU A 22 -4.76 -3.20 -0.46
CA LEU A 22 -5.59 -4.24 -1.14
C LEU A 22 -6.10 -3.73 -2.49
N VAL A 23 -6.56 -2.50 -2.57
CA VAL A 23 -7.10 -1.96 -3.87
C VAL A 23 -5.96 -1.73 -4.87
N THR A 24 -4.93 -1.02 -4.48
CA THR A 24 -3.79 -0.73 -5.42
C THR A 24 -3.07 -2.02 -5.81
N VAL A 25 -2.78 -2.87 -4.86
CA VAL A 25 -2.05 -4.14 -5.15
C VAL A 25 -2.95 -5.05 -6.01
N ALA A 26 -4.21 -5.14 -5.68
CA ALA A 26 -5.15 -6.01 -6.45
C ALA A 26 -5.25 -5.53 -7.89
N PHE A 27 -5.36 -4.23 -8.11
CA PHE A 27 -5.49 -3.70 -9.50
C PHE A 27 -4.27 -4.07 -10.35
N ILE A 28 -3.07 -3.77 -9.89
CA ILE A 28 -1.84 -4.07 -10.69
C ILE A 28 -1.80 -5.57 -11.02
N ILE A 29 -1.98 -6.42 -10.02
CA ILE A 29 -1.93 -7.90 -10.27
C ILE A 29 -3.02 -8.25 -11.28
N PHE A 30 -4.21 -7.69 -11.13
CA PHE A 30 -5.33 -8.00 -12.07
C PHE A 30 -4.96 -7.58 -13.50
N TRP A 31 -4.30 -6.44 -13.65
CA TRP A 31 -3.92 -5.94 -15.02
C TRP A 31 -3.22 -7.04 -15.82
N VAL A 32 -2.17 -7.64 -15.29
CA VAL A 32 -1.44 -8.70 -16.07
C VAL A 32 -2.24 -10.01 -16.05
N ARG A 33 -3.10 -10.20 -15.07
CA ARG A 33 -3.90 -11.46 -15.00
C ARG A 33 -4.71 -11.63 -16.29
N SER A 34 -5.31 -10.56 -16.76
CA SER A 34 -6.12 -10.63 -18.02
C SER A 34 -5.20 -10.59 -19.26
N LYS A 35 -3.99 -10.10 -19.11
CA LYS A 35 -3.05 -10.01 -20.27
C LYS A 35 -2.53 -11.41 -20.62
N ARG A 36 -2.21 -12.20 -19.63
CA ARG A 36 -1.67 -13.59 -19.90
C ARG A 36 -2.72 -14.36 -20.73
N SER A 37 -3.70 -14.97 -20.08
CA SER A 37 -4.77 -15.73 -20.83
C SER A 37 -4.13 -16.65 -21.89
N ARG A 38 -2.91 -17.07 -21.68
CA ARG A 38 -2.20 -17.95 -22.67
C ARG A 38 -1.61 -19.17 -21.94
N LEU A 39 -2.27 -19.65 -20.91
CA LEU A 39 -1.76 -20.82 -20.15
C LEU A 39 -2.71 -22.00 -20.36
N LEU A 40 -2.73 -22.54 -21.56
CA LEU A 40 -3.63 -23.69 -21.88
C LEU A 40 -2.92 -24.64 -22.87
N HIS A 41 -1.63 -24.86 -22.65
CA HIS A 41 -0.84 -25.78 -23.53
C HIS A 41 -0.87 -25.26 -24.98
N GLY B 1 -5.84 29.74 18.60
CA GLY B 1 -5.55 30.43 17.30
C GLY B 1 -4.52 29.61 16.50
N PRO B 2 -3.23 29.67 16.86
CA PRO B 2 -2.18 28.91 16.13
C PRO B 2 -2.18 27.42 16.46
N SER B 3 -2.47 26.59 15.47
CA SER B 3 -2.50 25.12 15.70
C SER B 3 -2.59 24.40 14.35
N LYS B 4 -3.74 24.45 13.70
CA LYS B 4 -3.91 23.78 12.37
C LYS B 4 -3.34 22.35 12.41
N PRO B 5 -4.12 21.35 12.83
CA PRO B 5 -3.65 19.93 12.88
C PRO B 5 -3.69 19.25 11.50
N PHE B 6 -4.26 19.91 10.51
CA PHE B 6 -4.34 19.32 9.14
C PHE B 6 -2.94 18.96 8.64
N TRP B 7 -1.98 19.81 8.90
CA TRP B 7 -0.58 19.55 8.45
C TRP B 7 -0.08 18.22 9.03
N VAL B 8 -0.18 18.06 10.33
CA VAL B 8 0.30 16.79 10.99
C VAL B 8 -0.59 15.61 10.56
N LEU B 9 -1.86 15.84 10.33
CA LEU B 9 -2.78 14.73 9.92
C LEU B 9 -2.35 14.17 8.57
N VAL B 10 -2.01 15.03 7.63
CA VAL B 10 -1.59 14.56 6.27
C VAL B 10 -0.13 14.08 6.32
N VAL B 11 0.72 14.82 6.98
CA VAL B 11 2.18 14.44 7.05
C VAL B 11 2.32 13.10 7.78
N VAL B 12 1.60 12.89 8.85
CA VAL B 12 1.71 11.61 9.61
C VAL B 12 1.11 10.46 8.79
N GLY B 13 -0.10 10.64 8.29
CA GLY B 13 -0.77 9.58 7.48
C GLY B 13 -0.05 9.37 6.14
N GLY B 14 0.57 10.40 5.62
CA GLY B 14 1.28 10.30 4.30
C GLY B 14 2.51 9.39 4.44
N VAL B 15 3.40 9.72 5.34
CA VAL B 15 4.65 8.89 5.52
C VAL B 15 4.29 7.44 5.85
N LEU B 16 3.36 7.25 6.75
CA LEU B 16 2.96 5.87 7.17
C LEU B 16 2.50 5.09 5.93
N ALA B 17 1.68 5.69 5.11
CA ALA B 17 1.16 5.01 3.88
C ALA B 17 2.27 4.89 2.82
N PHE B 18 3.15 5.87 2.76
CA PHE B 18 4.25 5.84 1.74
C PHE B 18 5.21 4.69 2.01
N TYR B 19 5.67 4.54 3.24
CA TYR B 19 6.64 3.44 3.56
C TYR B 19 5.96 2.08 3.43
N SER B 20 4.82 1.90 4.07
CA SER B 20 4.11 0.59 4.02
C SER B 20 3.66 0.26 2.60
N LEU B 21 3.09 1.20 1.89
CA LEU B 21 2.59 0.93 0.50
C LEU B 21 3.75 0.63 -0.45
N LEU B 22 4.78 1.44 -0.45
CA LEU B 22 5.93 1.21 -1.39
C LEU B 22 6.65 -0.09 -1.09
N VAL B 23 6.89 -0.39 0.17
CA VAL B 23 7.61 -1.65 0.53
C VAL B 23 6.74 -2.87 0.18
N THR B 24 5.53 -2.92 0.67
CA THR B 24 4.65 -4.10 0.41
C THR B 24 4.37 -4.27 -1.08
N VAL B 25 3.87 -3.24 -1.75
CA VAL B 25 3.56 -3.35 -3.21
C VAL B 25 4.79 -3.91 -3.96
N ALA B 26 5.95 -3.35 -3.71
CA ALA B 26 7.19 -3.83 -4.39
C ALA B 26 7.53 -5.24 -3.89
N PHE B 27 7.08 -5.61 -2.71
CA PHE B 27 7.38 -6.95 -2.16
C PHE B 27 6.53 -8.02 -2.85
N ILE B 28 5.23 -7.79 -2.95
CA ILE B 28 4.33 -8.83 -3.59
C ILE B 28 4.75 -9.06 -5.03
N ILE B 29 4.89 -8.01 -5.81
CA ILE B 29 5.26 -8.17 -7.25
C ILE B 29 6.61 -8.88 -7.37
N PHE B 30 7.64 -8.38 -6.73
CA PHE B 30 9.00 -9.03 -6.82
C PHE B 30 8.97 -10.41 -6.16
N TRP B 31 8.09 -10.63 -5.20
CA TRP B 31 8.02 -11.95 -4.50
C TRP B 31 7.60 -13.04 -5.49
N VAL B 32 6.51 -12.87 -6.20
CA VAL B 32 6.06 -13.92 -7.18
C VAL B 32 6.79 -13.75 -8.51
N ARG B 33 7.10 -12.54 -8.90
CA ARG B 33 7.81 -12.29 -10.20
C ARG B 33 9.20 -12.92 -10.14
N SER B 34 9.86 -12.88 -9.00
CA SER B 34 11.23 -13.46 -8.88
C SER B 34 11.17 -14.95 -9.20
N LYS B 35 10.35 -15.70 -8.49
CA LYS B 35 10.24 -17.17 -8.73
C LYS B 35 9.58 -17.44 -10.08
N ARG B 36 8.64 -16.60 -10.47
CA ARG B 36 7.94 -16.79 -11.78
C ARG B 36 8.95 -16.62 -12.92
N SER B 37 9.86 -15.67 -12.78
CA SER B 37 10.88 -15.42 -13.85
C SER B 37 11.97 -16.48 -13.78
N ARG B 38 12.71 -16.52 -12.69
CA ARG B 38 13.82 -17.53 -12.54
C ARG B 38 14.84 -17.32 -13.67
N LEU B 39 15.99 -17.93 -13.55
CA LEU B 39 17.05 -17.79 -14.61
C LEU B 39 17.11 -19.07 -15.44
N LEU B 40 17.44 -20.18 -14.82
CA LEU B 40 17.53 -21.47 -15.58
C LEU B 40 16.12 -21.99 -15.81
N HIS B 41 16.01 -23.13 -16.48
CA HIS B 41 14.67 -23.72 -16.77
C HIS B 41 14.47 -24.97 -15.91
N GLY A 1 -7.53 17.82 27.60
CA GLY A 1 -9.00 17.90 27.37
C GLY A 1 -9.43 16.85 26.34
N PRO A 2 -10.65 16.91 25.82
CA PRO A 2 -11.13 15.92 24.80
C PRO A 2 -10.55 16.18 23.42
N SER A 3 -10.88 15.34 22.45
CA SER A 3 -10.36 15.52 21.06
C SER A 3 -8.84 15.66 21.08
N LYS A 4 -8.13 14.56 20.90
CA LYS A 4 -6.63 14.60 20.91
C LYS A 4 -6.11 14.08 19.55
N PRO A 5 -5.05 14.67 18.99
CA PRO A 5 -4.50 14.21 17.67
C PRO A 5 -4.09 12.74 17.69
N PHE A 6 -3.70 12.24 18.84
CA PHE A 6 -3.27 10.81 18.96
C PHE A 6 -4.45 9.88 18.67
N TRP A 7 -5.62 10.21 19.16
CA TRP A 7 -6.83 9.36 18.93
C TRP A 7 -7.10 9.25 17.43
N VAL A 8 -7.12 10.38 16.74
CA VAL A 8 -7.39 10.38 15.26
C VAL A 8 -6.22 9.74 14.52
N LEU A 9 -5.03 9.93 15.01
CA LEU A 9 -3.81 9.37 14.35
C LEU A 9 -3.90 7.85 14.33
N VAL A 10 -4.36 7.24 15.40
CA VAL A 10 -4.45 5.74 15.47
C VAL A 10 -5.61 5.25 14.58
N VAL A 11 -6.77 5.83 14.70
CA VAL A 11 -7.94 5.38 13.87
C VAL A 11 -7.66 5.66 12.39
N VAL A 12 -7.20 6.86 12.08
CA VAL A 12 -6.90 7.22 10.67
C VAL A 12 -5.77 6.32 10.16
N GLY A 13 -4.68 6.24 10.88
CA GLY A 13 -3.52 5.39 10.44
C GLY A 13 -3.99 3.97 10.13
N GLY A 14 -4.89 3.44 10.93
CA GLY A 14 -5.39 2.04 10.72
C GLY A 14 -6.08 1.93 9.37
N VAL A 15 -7.25 2.52 9.23
CA VAL A 15 -8.02 2.44 7.95
C VAL A 15 -7.18 2.95 6.77
N LEU A 16 -6.47 4.04 6.97
CA LEU A 16 -5.61 4.64 5.90
C LEU A 16 -4.74 3.55 5.27
N ALA A 17 -4.11 2.72 6.08
CA ALA A 17 -3.20 1.66 5.56
C ALA A 17 -3.99 0.52 4.91
N PHE A 18 -5.08 0.10 5.51
CA PHE A 18 -5.87 -1.05 4.94
C PHE A 18 -6.57 -0.66 3.63
N TYR A 19 -7.08 0.56 3.54
CA TYR A 19 -7.80 0.98 2.30
C TYR A 19 -6.80 1.31 1.19
N SER A 20 -5.80 2.10 1.47
CA SER A 20 -4.81 2.49 0.42
C SER A 20 -3.99 1.28 -0.01
N LEU A 21 -3.58 0.45 0.92
CA LEU A 21 -2.75 -0.74 0.57
C LEU A 21 -3.56 -1.78 -0.19
N LEU A 22 -4.73 -2.15 0.31
CA LEU A 22 -5.56 -3.20 -0.39
C LEU A 22 -6.12 -2.69 -1.71
N VAL A 23 -6.55 -1.45 -1.77
CA VAL A 23 -7.14 -0.91 -3.05
C VAL A 23 -6.04 -0.63 -4.08
N THR A 24 -4.97 0.02 -3.70
CA THR A 24 -3.89 0.35 -4.67
C THR A 24 -3.18 -0.93 -5.11
N VAL A 25 -2.81 -1.78 -4.16
CA VAL A 25 -2.11 -3.05 -4.53
C VAL A 25 -3.02 -3.87 -5.43
N ALA A 26 -4.20 -4.24 -4.95
CA ALA A 26 -5.15 -5.06 -5.78
C ALA A 26 -5.34 -4.40 -7.16
N PHE A 27 -5.21 -3.10 -7.23
CA PHE A 27 -5.38 -2.39 -8.54
C PHE A 27 -4.37 -2.96 -9.54
N ILE A 28 -3.11 -3.02 -9.15
CA ILE A 28 -2.05 -3.56 -10.05
C ILE A 28 -2.24 -5.07 -10.18
N ILE A 29 -2.45 -5.76 -9.07
CA ILE A 29 -2.64 -7.25 -9.12
C ILE A 29 -3.72 -7.60 -10.16
N PHE A 30 -4.77 -6.81 -10.24
CA PHE A 30 -5.88 -7.09 -11.21
C PHE A 30 -5.40 -6.85 -12.65
N TRP A 31 -4.58 -5.85 -12.86
CA TRP A 31 -4.10 -5.51 -14.25
C TRP A 31 -3.28 -6.64 -14.87
N VAL A 32 -2.36 -7.25 -14.14
CA VAL A 32 -1.53 -8.36 -14.74
C VAL A 32 -2.29 -9.68 -14.67
N ARG A 33 -3.01 -9.94 -13.60
CA ARG A 33 -3.78 -11.23 -13.49
C ARG A 33 -4.82 -11.29 -14.60
N SER A 34 -5.46 -10.17 -14.88
CA SER A 34 -6.50 -10.13 -15.96
C SER A 34 -5.82 -10.23 -17.32
N LYS A 35 -4.70 -9.58 -17.48
CA LYS A 35 -3.96 -9.62 -18.78
C LYS A 35 -3.53 -11.05 -19.09
N ARG A 36 -3.15 -11.81 -18.08
CA ARG A 36 -2.70 -13.21 -18.29
C ARG A 36 -3.69 -14.16 -17.62
N SER A 37 -4.88 -14.27 -18.17
CA SER A 37 -5.93 -15.17 -17.61
C SER A 37 -6.58 -15.97 -18.75
N ARG A 38 -5.79 -16.36 -19.73
CA ARG A 38 -6.34 -17.14 -20.88
C ARG A 38 -5.17 -17.92 -21.54
N LEU A 39 -5.27 -18.23 -22.83
CA LEU A 39 -4.17 -18.98 -23.53
C LEU A 39 -4.05 -20.40 -22.95
N LEU A 40 -5.13 -20.92 -22.38
CA LEU A 40 -5.12 -22.30 -21.79
C LEU A 40 -4.23 -22.34 -20.54
N HIS A 41 -2.92 -22.26 -20.72
CA HIS A 41 -1.99 -22.29 -19.55
C HIS A 41 -0.63 -21.74 -19.98
N GLY B 1 -3.14 27.52 16.57
CA GLY B 1 -1.88 26.85 17.00
C GLY B 1 -2.05 25.32 16.84
N PRO B 2 -2.59 24.62 17.84
CA PRO B 2 -2.77 23.13 17.76
C PRO B 2 -4.06 22.74 17.02
N SER B 3 -4.59 23.63 16.20
CA SER B 3 -5.85 23.33 15.45
C SER B 3 -5.51 23.03 13.97
N LYS B 4 -4.36 22.47 13.72
CA LYS B 4 -3.96 22.14 12.31
C LYS B 4 -3.77 20.61 12.18
N PRO B 5 -4.82 19.81 12.41
CA PRO B 5 -4.72 18.31 12.30
C PRO B 5 -4.54 17.83 10.87
N PHE B 6 -4.89 18.64 9.90
CA PHE B 6 -4.76 18.25 8.46
C PHE B 6 -3.30 18.04 8.10
N TRP B 7 -2.43 18.96 8.50
CA TRP B 7 -0.98 18.83 8.17
C TRP B 7 -0.40 17.57 8.80
N VAL B 8 -0.59 17.38 10.09
CA VAL B 8 -0.04 16.17 10.78
C VAL B 8 -0.66 14.89 10.22
N LEU B 9 -1.87 14.97 9.69
CA LEU B 9 -2.54 13.75 9.13
C LEU B 9 -1.86 13.32 7.83
N VAL B 10 -1.56 14.26 6.97
CA VAL B 10 -0.91 13.93 5.66
C VAL B 10 0.52 13.42 5.89
N VAL B 11 1.25 14.05 6.79
CA VAL B 11 2.66 13.63 7.07
C VAL B 11 2.68 12.20 7.62
N VAL B 12 1.83 11.90 8.58
CA VAL B 12 1.81 10.53 9.20
C VAL B 12 1.23 9.51 8.20
N GLY B 13 0.09 9.81 7.62
CA GLY B 13 -0.56 8.86 6.67
C GLY B 13 0.27 8.71 5.38
N GLY B 14 0.94 9.77 4.97
CA GLY B 14 1.75 9.71 3.71
C GLY B 14 2.95 8.79 3.88
N VAL B 15 3.75 9.01 4.91
CA VAL B 15 4.98 8.17 5.13
C VAL B 15 4.60 6.71 5.38
N LEU B 16 3.64 6.46 6.24
CA LEU B 16 3.25 5.06 6.57
C LEU B 16 2.79 4.32 5.31
N ALA B 17 1.90 4.91 4.54
CA ALA B 17 1.41 4.23 3.30
C ALA B 17 2.54 4.08 2.28
N PHE B 18 3.39 5.07 2.19
CA PHE B 18 4.52 5.01 1.19
C PHE B 18 5.45 3.84 1.54
N TYR B 19 5.79 3.67 2.80
CA TYR B 19 6.72 2.57 3.20
C TYR B 19 6.09 1.20 2.91
N SER B 20 4.95 0.92 3.49
CA SER B 20 4.29 -0.41 3.28
C SER B 20 3.95 -0.62 1.80
N LEU B 21 3.38 0.39 1.16
CA LEU B 21 3.00 0.25 -0.28
C LEU B 21 4.24 0.07 -1.14
N LEU B 22 5.25 0.89 -0.95
CA LEU B 22 6.48 0.82 -1.79
C LEU B 22 7.23 -0.50 -1.53
N VAL B 23 7.40 -0.88 -0.29
CA VAL B 23 8.15 -2.14 0.03
C VAL B 23 7.32 -3.36 -0.37
N THR B 24 6.07 -3.41 0.03
CA THR B 24 5.22 -4.61 -0.30
C THR B 24 5.00 -4.74 -1.80
N VAL B 25 4.64 -3.68 -2.48
CA VAL B 25 4.38 -3.75 -3.96
C VAL B 25 5.63 -4.26 -4.68
N ALA B 26 6.77 -3.69 -4.40
CA ALA B 26 8.03 -4.12 -5.08
C ALA B 26 8.40 -5.56 -4.68
N PHE B 27 8.00 -6.00 -3.51
CA PHE B 27 8.37 -7.38 -3.06
C PHE B 27 7.60 -8.44 -3.84
N ILE B 28 6.28 -8.43 -3.81
CA ILE B 28 5.47 -9.48 -4.52
C ILE B 28 5.69 -9.43 -6.03
N ILE B 29 5.73 -8.25 -6.62
CA ILE B 29 5.91 -8.16 -8.11
C ILE B 29 7.27 -8.78 -8.50
N PHE B 30 8.32 -8.46 -7.79
CA PHE B 30 9.67 -9.04 -8.11
C PHE B 30 9.81 -10.44 -7.51
N TRP B 31 9.03 -10.77 -6.51
CA TRP B 31 9.11 -12.12 -5.87
C TRP B 31 8.62 -13.20 -6.84
N VAL B 32 7.51 -12.98 -7.52
CA VAL B 32 6.99 -14.02 -8.47
C VAL B 32 7.75 -13.92 -9.81
N ARG B 33 8.09 -12.72 -10.24
CA ARG B 33 8.83 -12.56 -11.53
C ARG B 33 10.12 -13.37 -11.48
N SER B 34 10.82 -13.33 -10.37
CA SER B 34 12.11 -14.09 -10.24
C SER B 34 11.84 -15.59 -10.05
N LYS B 35 10.59 -15.99 -9.90
CA LYS B 35 10.28 -17.44 -9.70
C LYS B 35 9.88 -18.09 -11.03
N ARG B 36 8.87 -17.56 -11.68
CA ARG B 36 8.40 -18.13 -12.99
C ARG B 36 9.34 -17.73 -14.13
N SER B 37 10.18 -16.74 -13.94
CA SER B 37 11.11 -16.30 -15.03
C SER B 37 11.93 -17.50 -15.51
N ARG B 38 12.95 -17.91 -14.77
CA ARG B 38 13.80 -19.08 -15.19
C ARG B 38 14.23 -18.92 -16.65
N LEU B 39 15.21 -18.07 -16.91
CA LEU B 39 15.68 -17.85 -18.31
C LEU B 39 17.00 -18.58 -18.54
N LEU B 40 17.32 -19.57 -17.72
CA LEU B 40 18.59 -20.34 -17.90
C LEU B 40 18.28 -21.84 -17.91
N HIS B 41 19.20 -22.64 -18.40
CA HIS B 41 18.97 -24.13 -18.45
C HIS B 41 20.31 -24.84 -18.58
N GLY A 1 -7.84 16.24 25.71
CA GLY A 1 -7.82 15.80 27.13
C GLY A 1 -8.32 14.34 27.22
N PRO A 2 -9.62 14.09 27.27
CA PRO A 2 -10.16 12.70 27.37
C PRO A 2 -9.54 11.77 26.32
N SER A 3 -9.25 12.29 25.15
CA SER A 3 -8.65 11.45 24.06
C SER A 3 -7.24 11.98 23.76
N LYS A 4 -6.34 11.10 23.37
CA LYS A 4 -4.95 11.52 23.04
C LYS A 4 -4.76 11.51 21.52
N PRO A 5 -3.87 12.35 20.97
CA PRO A 5 -3.64 12.39 19.48
C PRO A 5 -3.38 11.00 18.90
N PHE A 6 -2.75 10.14 19.66
CA PHE A 6 -2.43 8.76 19.17
C PHE A 6 -3.71 8.08 18.64
N TRP A 7 -4.85 8.42 19.19
CA TRP A 7 -6.14 7.80 18.74
C TRP A 7 -6.51 8.31 17.35
N VAL A 8 -6.57 9.61 17.16
CA VAL A 8 -6.95 10.20 15.84
C VAL A 8 -5.89 9.85 14.77
N LEU A 9 -4.66 9.60 15.16
CA LEU A 9 -3.59 9.27 14.16
C LEU A 9 -3.71 7.81 13.72
N VAL A 10 -3.78 6.89 14.66
CA VAL A 10 -3.88 5.43 14.30
C VAL A 10 -5.18 5.17 13.52
N VAL A 11 -6.28 5.75 13.97
CA VAL A 11 -7.59 5.52 13.27
C VAL A 11 -7.54 6.08 11.84
N VAL A 12 -7.02 7.27 11.67
CA VAL A 12 -6.95 7.88 10.29
C VAL A 12 -5.91 7.13 9.44
N GLY A 13 -4.71 6.97 9.95
CA GLY A 13 -3.65 6.26 9.18
C GLY A 13 -4.01 4.78 8.96
N GLY A 14 -4.76 4.21 9.88
CA GLY A 14 -5.16 2.77 9.77
C GLY A 14 -6.11 2.56 8.58
N VAL A 15 -7.23 3.25 8.58
CA VAL A 15 -8.24 3.08 7.49
C VAL A 15 -7.65 3.53 6.14
N LEU A 16 -6.99 4.67 6.13
CA LEU A 16 -6.39 5.21 4.87
C LEU A 16 -5.38 4.22 4.30
N ALA A 17 -4.71 3.46 5.14
CA ALA A 17 -3.69 2.47 4.64
C ALA A 17 -4.39 1.21 4.15
N PHE A 18 -5.37 0.72 4.88
CA PHE A 18 -6.10 -0.52 4.48
C PHE A 18 -6.79 -0.30 3.14
N TYR A 19 -7.58 0.74 3.03
CA TYR A 19 -8.32 1.02 1.76
C TYR A 19 -7.33 1.34 0.64
N SER A 20 -6.36 2.18 0.91
CA SER A 20 -5.37 2.56 -0.13
C SER A 20 -4.62 1.32 -0.63
N LEU A 21 -4.20 0.45 0.28
CA LEU A 21 -3.45 -0.76 -0.14
C LEU A 21 -4.37 -1.76 -0.83
N LEU A 22 -5.37 -2.25 -0.14
CA LEU A 22 -6.30 -3.28 -0.73
C LEU A 22 -6.76 -2.87 -2.14
N VAL A 23 -6.84 -1.59 -2.43
CA VAL A 23 -7.30 -1.16 -3.79
C VAL A 23 -6.17 -1.32 -4.81
N THR A 24 -5.04 -0.69 -4.60
CA THR A 24 -3.90 -0.79 -5.57
C THR A 24 -3.26 -2.18 -5.51
N VAL A 25 -3.16 -2.73 -4.33
CA VAL A 25 -2.55 -4.08 -4.13
C VAL A 25 -3.32 -5.11 -4.96
N ALA A 26 -4.62 -5.12 -4.85
CA ALA A 26 -5.45 -6.12 -5.61
C ALA A 26 -5.50 -5.76 -7.09
N PHE A 27 -5.50 -4.48 -7.42
CA PHE A 27 -5.58 -4.06 -8.86
C PHE A 27 -4.39 -4.65 -9.63
N ILE A 28 -3.20 -4.57 -9.09
CA ILE A 28 -2.00 -5.11 -9.80
C ILE A 28 -2.09 -6.63 -9.98
N ILE A 29 -2.49 -7.36 -8.96
CA ILE A 29 -2.60 -8.86 -9.11
C ILE A 29 -3.49 -9.21 -10.29
N PHE A 30 -4.66 -8.60 -10.36
CA PHE A 30 -5.62 -8.89 -11.48
C PHE A 30 -5.19 -8.16 -12.75
N TRP A 31 -4.53 -7.03 -12.61
CA TRP A 31 -4.10 -6.24 -13.81
C TRP A 31 -3.07 -7.03 -14.63
N VAL A 32 -2.10 -7.64 -13.99
CA VAL A 32 -1.06 -8.41 -14.76
C VAL A 32 -1.56 -9.82 -15.08
N ARG A 33 -2.44 -10.37 -14.26
CA ARG A 33 -2.98 -11.75 -14.54
C ARG A 33 -4.05 -11.67 -15.63
N SER A 34 -4.83 -10.62 -15.63
CA SER A 34 -5.91 -10.46 -16.66
C SER A 34 -5.27 -10.12 -18.01
N LYS A 35 -4.27 -9.27 -17.98
CA LYS A 35 -3.56 -8.86 -19.24
C LYS A 35 -3.06 -10.10 -20.00
N ARG A 36 -2.94 -11.22 -19.33
CA ARG A 36 -2.45 -12.47 -20.00
C ARG A 36 -3.31 -12.75 -21.23
N SER A 37 -4.62 -12.73 -21.06
CA SER A 37 -5.56 -12.99 -22.19
C SER A 37 -5.42 -14.44 -22.65
N ARG A 38 -6.53 -15.12 -22.87
CA ARG A 38 -6.48 -16.55 -23.33
C ARG A 38 -5.66 -17.38 -22.33
N LEU A 39 -6.28 -17.86 -21.28
CA LEU A 39 -5.57 -18.68 -20.26
C LEU A 39 -5.58 -20.15 -20.69
N LEU A 40 -5.32 -20.41 -21.96
CA LEU A 40 -5.31 -21.80 -22.49
C LEU A 40 -4.30 -22.63 -21.71
N HIS A 41 -3.09 -22.14 -21.57
CA HIS A 41 -2.04 -22.89 -20.82
C HIS A 41 -1.69 -22.14 -19.53
N GLY B 1 -3.07 28.97 19.02
CA GLY B 1 -3.12 27.75 19.86
C GLY B 1 -2.28 26.63 19.20
N PRO B 2 -1.71 25.70 19.97
CA PRO B 2 -0.88 24.59 19.42
C PRO B 2 -1.72 23.41 18.94
N SER B 3 -2.94 23.68 18.48
CA SER B 3 -3.82 22.58 17.99
C SER B 3 -3.76 22.52 16.47
N LYS B 4 -3.03 21.56 15.94
CA LYS B 4 -2.93 21.41 14.45
C LYS B 4 -2.90 19.91 14.10
N PRO B 5 -4.03 19.21 14.12
CA PRO B 5 -4.08 17.76 13.80
C PRO B 5 -4.02 17.49 12.29
N PHE B 6 -4.59 18.39 11.51
CA PHE B 6 -4.59 18.23 10.02
C PHE B 6 -3.16 18.23 9.49
N TRP B 7 -2.33 19.13 9.99
CA TRP B 7 -0.92 19.23 9.52
C TRP B 7 -0.16 17.95 9.87
N VAL B 8 -0.22 17.55 11.12
CA VAL B 8 0.51 16.31 11.56
C VAL B 8 -0.12 15.06 10.92
N LEU B 9 -1.40 15.10 10.62
CA LEU B 9 -2.08 13.91 10.00
C LEU B 9 -1.49 13.64 8.62
N VAL B 10 -1.30 14.69 7.83
CA VAL B 10 -0.74 14.52 6.45
C VAL B 10 0.69 14.00 6.52
N VAL B 11 1.50 14.53 7.42
CA VAL B 11 2.92 14.08 7.54
C VAL B 11 2.98 12.60 7.92
N VAL B 12 2.20 12.19 8.90
CA VAL B 12 2.23 10.76 9.35
C VAL B 12 1.53 9.86 8.31
N GLY B 13 0.30 10.18 7.96
CA GLY B 13 -0.45 9.34 6.97
C GLY B 13 0.26 9.32 5.61
N GLY B 14 0.92 10.41 5.25
CA GLY B 14 1.62 10.49 3.94
C GLY B 14 2.82 9.55 3.89
N VAL B 15 3.76 9.72 4.79
CA VAL B 15 5.00 8.86 4.79
C VAL B 15 4.63 7.39 4.93
N LEU B 16 3.75 7.07 5.84
CA LEU B 16 3.34 5.64 6.06
C LEU B 16 2.74 5.06 4.78
N ALA B 17 1.96 5.85 4.06
CA ALA B 17 1.32 5.35 2.80
C ALA B 17 2.38 5.18 1.69
N PHE B 18 3.38 6.04 1.67
CA PHE B 18 4.44 5.97 0.62
C PHE B 18 5.40 4.82 0.92
N TYR B 19 5.90 4.76 2.12
CA TYR B 19 6.86 3.67 2.50
C TYR B 19 6.17 2.31 2.45
N SER B 20 4.93 2.24 2.88
CA SER B 20 4.20 0.93 2.88
C SER B 20 3.80 0.54 1.46
N LEU B 21 3.19 1.45 0.72
CA LEU B 21 2.75 1.12 -0.67
C LEU B 21 3.95 0.88 -1.58
N LEU B 22 4.96 1.72 -1.47
CA LEU B 22 6.17 1.58 -2.35
C LEU B 22 6.91 0.28 -2.05
N VAL B 23 7.13 -0.02 -0.79
CA VAL B 23 7.87 -1.27 -0.42
C VAL B 23 7.02 -2.51 -0.71
N THR B 24 5.76 -2.51 -0.31
CA THR B 24 4.89 -3.70 -0.54
C THR B 24 4.72 -3.99 -2.04
N VAL B 25 4.38 -2.98 -2.82
CA VAL B 25 4.18 -3.19 -4.29
C VAL B 25 5.44 -3.87 -4.86
N ALA B 26 6.60 -3.34 -4.58
CA ALA B 26 7.86 -3.95 -5.10
C ALA B 26 8.13 -5.30 -4.44
N PHE B 27 7.56 -5.54 -3.27
CA PHE B 27 7.82 -6.84 -2.56
C PHE B 27 7.07 -8.00 -3.24
N ILE B 28 5.76 -7.90 -3.41
CA ILE B 28 4.98 -9.02 -4.04
C ILE B 28 5.40 -9.18 -5.50
N ILE B 29 5.54 -8.10 -6.25
CA ILE B 29 5.94 -8.21 -7.69
C ILE B 29 7.27 -8.99 -7.77
N PHE B 30 8.24 -8.65 -6.97
CA PHE B 30 9.55 -9.39 -6.99
C PHE B 30 9.41 -10.72 -6.24
N TRP B 31 8.43 -10.83 -5.35
CA TRP B 31 8.22 -12.10 -4.58
C TRP B 31 7.95 -13.25 -5.55
N VAL B 32 7.11 -13.05 -6.56
CA VAL B 32 6.81 -14.17 -7.53
C VAL B 32 7.90 -14.22 -8.61
N ARG B 33 8.44 -13.09 -9.02
CA ARG B 33 9.50 -13.08 -10.08
C ARG B 33 10.76 -13.74 -9.55
N SER B 34 11.08 -13.54 -8.29
CA SER B 34 12.32 -14.16 -7.69
C SER B 34 12.29 -15.67 -7.91
N LYS B 35 11.12 -16.27 -7.87
CA LYS B 35 11.00 -17.74 -8.09
C LYS B 35 11.39 -18.07 -9.54
N ARG B 36 10.98 -17.24 -10.47
CA ARG B 36 11.32 -17.49 -11.91
C ARG B 36 11.73 -16.16 -12.57
N SER B 37 12.97 -15.78 -12.43
CA SER B 37 13.48 -14.52 -13.04
C SER B 37 14.92 -14.73 -13.51
N ARG B 38 15.19 -15.87 -14.11
CA ARG B 38 16.57 -16.17 -14.61
C ARG B 38 16.53 -16.29 -16.13
N LEU B 39 15.87 -17.32 -16.63
CA LEU B 39 15.76 -17.54 -18.12
C LEU B 39 17.14 -17.82 -18.72
N LEU B 40 17.96 -16.80 -18.89
CA LEU B 40 19.34 -16.96 -19.47
C LEU B 40 19.22 -17.30 -20.97
N HIS B 41 18.73 -18.48 -21.29
CA HIS B 41 18.57 -18.88 -22.73
C HIS B 41 19.92 -18.83 -23.44
N GLY A 1 -7.23 15.19 30.00
CA GLY A 1 -5.93 14.78 29.40
C GLY A 1 -5.71 13.27 29.63
N PRO A 2 -6.56 12.40 29.06
CA PRO A 2 -6.42 10.93 29.24
C PRO A 2 -5.36 10.32 28.32
N SER A 3 -5.36 10.72 27.06
CA SER A 3 -4.36 10.18 26.10
C SER A 3 -3.92 11.29 25.16
N LYS A 4 -2.96 11.01 24.30
CA LYS A 4 -2.46 12.04 23.34
C LYS A 4 -3.16 11.86 21.98
N PRO A 5 -3.10 12.83 21.08
CA PRO A 5 -3.75 12.71 19.73
C PRO A 5 -3.26 11.49 18.93
N PHE A 6 -2.17 10.88 19.37
CA PHE A 6 -1.62 9.69 18.65
C PHE A 6 -2.73 8.64 18.40
N TRP A 7 -3.80 8.69 19.17
CA TRP A 7 -4.92 7.71 19.01
C TRP A 7 -5.59 7.90 17.64
N VAL A 8 -6.11 9.08 17.37
CA VAL A 8 -6.81 9.33 16.06
C VAL A 8 -5.82 9.16 14.90
N LEU A 9 -4.57 9.51 15.13
CA LEU A 9 -3.54 9.38 14.05
C LEU A 9 -3.49 7.94 13.54
N VAL A 10 -3.55 6.97 14.44
CA VAL A 10 -3.49 5.53 14.00
C VAL A 10 -4.78 5.17 13.25
N VAL A 11 -5.92 5.59 13.76
CA VAL A 11 -7.22 5.25 13.08
C VAL A 11 -7.26 5.89 11.69
N VAL A 12 -6.88 7.14 11.58
CA VAL A 12 -6.90 7.85 10.26
C VAL A 12 -5.87 7.21 9.33
N GLY A 13 -4.65 7.02 9.80
CA GLY A 13 -3.58 6.41 8.95
C GLY A 13 -3.90 4.96 8.63
N GLY A 14 -4.60 4.27 9.51
CA GLY A 14 -4.95 2.84 9.28
C GLY A 14 -5.93 2.70 8.11
N VAL A 15 -7.08 3.31 8.21
CA VAL A 15 -8.10 3.22 7.11
C VAL A 15 -7.52 3.71 5.79
N LEU A 16 -6.84 4.84 5.81
CA LEU A 16 -6.25 5.40 4.56
C LEU A 16 -5.30 4.38 3.93
N ALA A 17 -4.42 3.80 4.71
CA ALA A 17 -3.44 2.80 4.16
C ALA A 17 -4.16 1.52 3.74
N PHE A 18 -5.15 1.09 4.50
CA PHE A 18 -5.89 -0.17 4.14
C PHE A 18 -6.65 0.01 2.84
N TYR A 19 -7.40 1.08 2.70
CA TYR A 19 -8.19 1.32 1.45
C TYR A 19 -7.26 1.47 0.25
N SER A 20 -6.26 2.31 0.34
CA SER A 20 -5.32 2.53 -0.80
C SER A 20 -4.51 1.25 -1.07
N LEU A 21 -4.01 0.62 -0.05
CA LEU A 21 -3.19 -0.62 -0.24
C LEU A 21 -4.05 -1.76 -0.80
N LEU A 22 -5.17 -2.05 -0.20
CA LEU A 22 -6.04 -3.18 -0.69
C LEU A 22 -6.58 -2.88 -2.08
N VAL A 23 -7.04 -1.68 -2.32
CA VAL A 23 -7.62 -1.33 -3.66
C VAL A 23 -6.51 -1.23 -4.71
N THR A 24 -5.45 -0.50 -4.43
CA THR A 24 -4.34 -0.34 -5.42
C THR A 24 -3.70 -1.68 -5.70
N VAL A 25 -3.40 -2.45 -4.68
CA VAL A 25 -2.73 -3.76 -4.90
C VAL A 25 -3.65 -4.68 -5.72
N ALA A 26 -4.82 -5.00 -5.24
CA ALA A 26 -5.74 -5.91 -5.99
C ALA A 26 -5.93 -5.42 -7.44
N PHE A 27 -5.87 -4.13 -7.66
CA PHE A 27 -6.06 -3.59 -9.04
C PHE A 27 -4.95 -4.14 -9.94
N ILE A 28 -3.71 -4.00 -9.53
CA ILE A 28 -2.56 -4.51 -10.35
C ILE A 28 -2.54 -6.05 -10.30
N ILE A 29 -2.76 -6.63 -9.14
CA ILE A 29 -2.77 -8.13 -9.02
C ILE A 29 -3.68 -8.72 -10.11
N PHE A 30 -4.86 -8.19 -10.25
CA PHE A 30 -5.84 -8.70 -11.26
C PHE A 30 -5.34 -8.44 -12.68
N TRP A 31 -4.75 -7.29 -12.91
CA TRP A 31 -4.29 -6.93 -14.30
C TRP A 31 -3.11 -7.79 -14.76
N VAL A 32 -2.08 -7.97 -13.96
CA VAL A 32 -0.90 -8.77 -14.43
C VAL A 32 -1.14 -10.28 -14.24
N ARG A 33 -2.01 -10.67 -13.32
CA ARG A 33 -2.25 -12.14 -13.11
C ARG A 33 -3.10 -12.68 -14.28
N SER A 34 -4.07 -11.90 -14.73
CA SER A 34 -4.95 -12.36 -15.85
C SER A 34 -4.19 -12.22 -17.18
N LYS A 35 -3.48 -11.13 -17.36
CA LYS A 35 -2.72 -10.92 -18.64
C LYS A 35 -1.69 -12.02 -18.81
N ARG A 36 -0.93 -12.31 -17.76
CA ARG A 36 0.11 -13.38 -17.84
C ARG A 36 -0.55 -14.72 -18.14
N SER A 37 -1.77 -14.92 -17.66
CA SER A 37 -2.48 -16.23 -17.89
C SER A 37 -3.22 -16.19 -19.24
N ARG A 38 -2.79 -15.36 -20.17
CA ARG A 38 -3.45 -15.28 -21.51
C ARG A 38 -2.67 -16.15 -22.51
N LEU A 39 -2.18 -17.28 -22.05
CA LEU A 39 -1.41 -18.20 -22.95
C LEU A 39 -2.17 -19.51 -23.10
N LEU A 40 -1.84 -20.29 -24.10
CA LEU A 40 -2.54 -21.59 -24.33
C LEU A 40 -1.49 -22.68 -24.55
N HIS A 41 -1.76 -23.90 -24.11
CA HIS A 41 -0.78 -25.01 -24.29
C HIS A 41 -1.54 -26.32 -24.49
N GLY B 1 -7.15 28.29 20.25
CA GLY B 1 -6.07 28.95 19.46
C GLY B 1 -5.69 28.07 18.26
N PRO B 2 -5.01 28.61 17.25
CA PRO B 2 -4.62 27.81 16.04
C PRO B 2 -3.78 26.58 16.42
N SER B 3 -4.14 25.44 15.86
CA SER B 3 -3.40 24.18 16.16
C SER B 3 -2.91 23.55 14.84
N LYS B 4 -3.72 23.62 13.81
CA LYS B 4 -3.35 23.04 12.48
C LYS B 4 -3.15 21.52 12.64
N PRO B 5 -4.18 20.78 13.07
CA PRO B 5 -4.08 19.30 13.24
C PRO B 5 -4.16 18.54 11.91
N PHE B 6 -4.55 19.21 10.85
CA PHE B 6 -4.66 18.55 9.51
C PHE B 6 -3.26 18.24 8.97
N TRP B 7 -2.31 19.12 9.21
CA TRP B 7 -0.91 18.91 8.71
C TRP B 7 -0.33 17.65 9.35
N VAL B 8 -0.29 17.58 10.65
CA VAL B 8 0.29 16.38 11.35
C VAL B 8 -0.42 15.10 10.89
N LEU B 9 -1.67 15.19 10.51
CA LEU B 9 -2.42 13.98 10.06
C LEU B 9 -1.95 13.53 8.68
N VAL B 10 -1.78 14.45 7.76
CA VAL B 10 -1.33 14.09 6.37
C VAL B 10 0.12 13.61 6.40
N VAL B 11 0.98 14.30 7.12
CA VAL B 11 2.43 13.90 7.17
C VAL B 11 2.56 12.47 7.74
N VAL B 12 1.91 12.19 8.85
CA VAL B 12 2.02 10.82 9.47
C VAL B 12 1.41 9.79 8.51
N GLY B 13 0.22 10.04 8.01
CA GLY B 13 -0.45 9.07 7.09
C GLY B 13 0.31 9.01 5.75
N GLY B 14 1.01 10.05 5.39
CA GLY B 14 1.77 10.08 4.10
C GLY B 14 2.94 9.10 4.15
N VAL B 15 3.78 9.21 5.15
CA VAL B 15 4.97 8.30 5.25
C VAL B 15 4.51 6.87 5.51
N LEU B 16 3.49 6.70 6.31
CA LEU B 16 2.98 5.32 6.63
C LEU B 16 2.48 4.66 5.35
N ALA B 17 1.72 5.37 4.54
CA ALA B 17 1.18 4.79 3.28
C ALA B 17 2.28 4.63 2.25
N PHE B 18 3.16 5.61 2.13
CA PHE B 18 4.27 5.52 1.12
C PHE B 18 5.18 4.34 1.45
N TYR B 19 5.54 4.19 2.71
CA TYR B 19 6.45 3.07 3.12
C TYR B 19 5.72 1.74 3.05
N SER B 20 4.62 1.61 3.75
CA SER B 20 3.85 0.33 3.77
C SER B 20 3.45 -0.06 2.34
N LEU B 21 3.09 0.89 1.51
CA LEU B 21 2.68 0.56 0.10
C LEU B 21 3.90 0.24 -0.76
N LEU B 22 4.92 1.07 -0.73
CA LEU B 22 6.12 0.83 -1.59
C LEU B 22 6.83 -0.46 -1.18
N VAL B 23 6.96 -0.73 0.10
CA VAL B 23 7.66 -1.97 0.56
C VAL B 23 6.79 -3.20 0.27
N THR B 24 5.53 -3.18 0.67
CA THR B 24 4.63 -4.36 0.43
C THR B 24 4.43 -4.59 -1.06
N VAL B 25 4.12 -3.55 -1.81
CA VAL B 25 3.90 -3.70 -3.28
C VAL B 25 5.17 -4.23 -3.92
N ALA B 26 6.29 -3.61 -3.63
CA ALA B 26 7.58 -4.07 -4.22
C ALA B 26 7.86 -5.51 -3.81
N PHE B 27 7.49 -5.89 -2.61
CA PHE B 27 7.76 -7.29 -2.12
C PHE B 27 7.08 -8.32 -3.02
N ILE B 28 5.80 -8.15 -3.31
CA ILE B 28 5.07 -9.15 -4.17
C ILE B 28 5.63 -9.11 -5.59
N ILE B 29 5.67 -7.96 -6.20
CA ILE B 29 6.20 -7.84 -7.59
C ILE B 29 7.65 -8.36 -7.65
N PHE B 30 8.36 -8.40 -6.55
CA PHE B 30 9.79 -8.86 -6.56
C PHE B 30 9.92 -10.39 -6.65
N TRP B 31 9.27 -11.17 -5.80
CA TRP B 31 9.49 -12.65 -5.85
C TRP B 31 8.90 -13.29 -7.11
N VAL B 32 7.85 -12.77 -7.69
CA VAL B 32 7.29 -13.40 -8.94
C VAL B 32 8.03 -12.88 -10.17
N ARG B 33 8.30 -11.59 -10.23
CA ARG B 33 9.03 -11.01 -11.40
C ARG B 33 10.47 -11.53 -11.42
N SER B 34 11.12 -11.56 -10.28
CA SER B 34 12.53 -12.04 -10.22
C SER B 34 12.59 -13.49 -10.70
N LYS B 35 11.66 -14.31 -10.25
CA LYS B 35 11.65 -15.75 -10.68
C LYS B 35 11.35 -15.82 -12.17
N ARG B 36 10.42 -15.01 -12.64
CA ARG B 36 10.06 -15.00 -14.09
C ARG B 36 11.23 -14.45 -14.94
N SER B 37 12.29 -13.96 -14.31
CA SER B 37 13.46 -13.42 -15.08
C SER B 37 13.97 -14.48 -16.07
N ARG B 38 13.84 -15.74 -15.72
CA ARG B 38 14.32 -16.84 -16.62
C ARG B 38 13.54 -16.78 -17.94
N LEU B 39 14.05 -16.05 -18.91
CA LEU B 39 13.35 -15.93 -20.23
C LEU B 39 13.89 -17.02 -21.17
N LEU B 40 13.68 -16.88 -22.47
CA LEU B 40 14.18 -17.91 -23.45
C LEU B 40 13.51 -19.25 -23.14
N HIS B 41 12.25 -19.22 -22.77
CA HIS B 41 11.51 -20.48 -22.46
C HIS B 41 11.26 -21.25 -23.76
N GLY A 1 -10.49 16.44 26.02
CA GLY A 1 -9.64 15.28 26.38
C GLY A 1 -9.70 14.22 25.27
N PRO A 2 -8.85 14.31 24.24
CA PRO A 2 -8.85 13.32 23.12
C PRO A 2 -8.09 12.05 23.46
N SER A 3 -7.82 11.81 24.73
CA SER A 3 -7.08 10.57 25.16
C SER A 3 -5.82 10.40 24.30
N LYS A 4 -4.93 11.36 24.33
CA LYS A 4 -3.65 11.30 23.53
C LYS A 4 -4.00 11.34 22.03
N PRO A 5 -3.25 12.07 21.19
CA PRO A 5 -3.53 12.14 19.72
C PRO A 5 -3.00 10.91 18.96
N PHE A 6 -2.35 10.00 19.65
CA PHE A 6 -1.81 8.77 18.99
C PHE A 6 -2.95 7.89 18.51
N TRP A 7 -4.04 7.83 19.27
CA TRP A 7 -5.20 6.97 18.88
C TRP A 7 -5.70 7.39 17.48
N VAL A 8 -6.08 8.64 17.31
CA VAL A 8 -6.60 9.10 15.97
C VAL A 8 -5.51 8.93 14.92
N LEU A 9 -4.28 9.17 15.29
CA LEU A 9 -3.14 9.05 14.33
C LEU A 9 -3.07 7.64 13.77
N VAL A 10 -3.25 6.64 14.60
CA VAL A 10 -3.18 5.21 14.12
C VAL A 10 -4.48 4.84 13.41
N VAL A 11 -5.61 5.25 13.93
CA VAL A 11 -6.93 4.90 13.29
C VAL A 11 -7.01 5.55 11.90
N VAL A 12 -6.62 6.80 11.79
CA VAL A 12 -6.68 7.51 10.46
C VAL A 12 -5.67 6.89 9.49
N GLY A 13 -4.44 6.72 9.91
CA GLY A 13 -3.39 6.13 9.02
C GLY A 13 -3.66 4.65 8.78
N GLY A 14 -4.27 3.98 9.73
CA GLY A 14 -4.56 2.52 9.58
C GLY A 14 -5.56 2.29 8.45
N VAL A 15 -6.69 2.94 8.51
CA VAL A 15 -7.74 2.77 7.44
C VAL A 15 -7.19 3.23 6.10
N LEU A 16 -6.49 4.34 6.08
CA LEU A 16 -5.93 4.88 4.80
C LEU A 16 -5.01 3.83 4.17
N ALA A 17 -4.12 3.24 4.94
CA ALA A 17 -3.19 2.21 4.39
C ALA A 17 -3.97 0.98 3.95
N PHE A 18 -4.97 0.59 4.72
CA PHE A 18 -5.78 -0.63 4.37
C PHE A 18 -6.49 -0.40 3.03
N TYR A 19 -7.29 0.64 2.94
CA TYR A 19 -8.04 0.90 1.67
C TYR A 19 -7.06 1.19 0.53
N SER A 20 -6.12 2.08 0.75
CA SER A 20 -5.13 2.43 -0.31
C SER A 20 -4.36 1.19 -0.76
N LEU A 21 -3.93 0.36 0.17
CA LEU A 21 -3.15 -0.86 -0.19
C LEU A 21 -4.02 -1.91 -0.90
N LEU A 22 -5.18 -2.20 -0.37
CA LEU A 22 -6.08 -3.24 -1.00
C LEU A 22 -6.54 -2.81 -2.39
N VAL A 23 -6.88 -1.55 -2.56
CA VAL A 23 -7.37 -1.06 -3.89
C VAL A 23 -6.26 -1.16 -4.95
N THR A 24 -5.08 -0.66 -4.66
CA THR A 24 -3.98 -0.70 -5.68
C THR A 24 -3.45 -2.12 -5.83
N VAL A 25 -3.21 -2.81 -4.74
CA VAL A 25 -2.66 -4.20 -4.81
C VAL A 25 -3.64 -5.09 -5.61
N ALA A 26 -4.92 -5.01 -5.31
CA ALA A 26 -5.91 -5.86 -6.03
C ALA A 26 -5.93 -5.51 -7.52
N PHE A 27 -5.85 -4.25 -7.86
CA PHE A 27 -5.89 -3.84 -9.31
C PHE A 27 -4.59 -4.25 -10.02
N ILE A 28 -3.46 -3.90 -9.48
CA ILE A 28 -2.14 -4.23 -10.13
C ILE A 28 -2.05 -5.74 -10.36
N ILE A 29 -2.27 -6.55 -9.35
CA ILE A 29 -2.16 -8.03 -9.53
C ILE A 29 -3.14 -8.46 -10.64
N PHE A 30 -4.37 -7.98 -10.60
CA PHE A 30 -5.38 -8.36 -11.64
C PHE A 30 -4.97 -7.82 -13.01
N TRP A 31 -4.28 -6.70 -13.07
CA TRP A 31 -3.88 -6.12 -14.38
C TRP A 31 -3.06 -7.15 -15.18
N VAL A 32 -2.01 -7.70 -14.59
CA VAL A 32 -1.18 -8.71 -15.33
C VAL A 32 -1.87 -10.08 -15.29
N ARG A 33 -2.76 -10.29 -14.34
CA ARG A 33 -3.47 -11.61 -14.24
C ARG A 33 -4.25 -11.84 -15.52
N SER A 34 -4.95 -10.83 -16.00
CA SER A 34 -5.76 -10.96 -17.25
C SER A 34 -4.82 -11.07 -18.45
N LYS A 35 -3.71 -10.36 -18.43
CA LYS A 35 -2.74 -10.40 -19.57
C LYS A 35 -2.24 -11.82 -19.78
N ARG A 36 -1.88 -12.50 -18.70
CA ARG A 36 -1.37 -13.90 -18.82
C ARG A 36 -2.29 -14.84 -18.04
N SER A 37 -3.45 -15.11 -18.59
CA SER A 37 -4.43 -16.02 -17.93
C SER A 37 -5.04 -16.95 -18.99
N ARG A 38 -4.28 -17.91 -19.46
CA ARG A 38 -4.78 -18.88 -20.48
C ARG A 38 -4.10 -20.23 -20.28
N LEU A 39 -4.62 -21.04 -19.37
CA LEU A 39 -4.03 -22.38 -19.10
C LEU A 39 -4.81 -23.45 -19.88
N LEU A 40 -4.46 -23.66 -21.13
CA LEU A 40 -5.18 -24.68 -21.96
C LEU A 40 -4.24 -25.86 -22.23
N HIS A 41 -3.23 -25.68 -23.05
CA HIS A 41 -2.27 -26.78 -23.36
C HIS A 41 -3.03 -27.98 -23.92
N GLY B 1 -1.64 26.09 24.12
CA GLY B 1 -1.70 27.11 23.03
C GLY B 1 -2.39 26.50 21.80
N PRO B 2 -2.41 27.20 20.65
CA PRO B 2 -3.06 26.68 19.41
C PRO B 2 -2.24 25.58 18.74
N SER B 3 -2.89 24.66 18.06
CA SER B 3 -2.17 23.56 17.38
C SER B 3 -2.75 23.36 15.97
N LYS B 4 -2.05 22.64 15.13
CA LYS B 4 -2.53 22.40 13.74
C LYS B 4 -2.67 20.88 13.49
N PRO B 5 -3.85 20.29 13.71
CA PRO B 5 -4.05 18.81 13.49
C PRO B 5 -4.04 18.44 12.00
N PHE B 6 -4.19 19.40 11.12
CA PHE B 6 -4.19 19.13 9.65
C PHE B 6 -2.78 18.74 9.19
N TRP B 7 -1.78 19.38 9.76
CA TRP B 7 -0.36 19.09 9.36
C TRP B 7 -0.01 17.63 9.68
N VAL B 8 -0.24 17.20 10.91
CA VAL B 8 0.12 15.80 11.30
C VAL B 8 -0.72 14.81 10.49
N LEU B 9 -1.97 15.10 10.29
CA LEU B 9 -2.86 14.18 9.52
C LEU B 9 -2.32 13.97 8.10
N VAL B 10 -1.89 15.03 7.45
CA VAL B 10 -1.36 14.91 6.04
C VAL B 10 0.07 14.34 6.07
N VAL B 11 0.91 14.87 6.92
CA VAL B 11 2.33 14.38 6.99
C VAL B 11 2.35 12.90 7.40
N VAL B 12 1.58 12.53 8.40
CA VAL B 12 1.55 11.11 8.86
C VAL B 12 0.89 10.25 7.77
N GLY B 13 -0.22 10.70 7.24
CA GLY B 13 -0.94 9.93 6.19
C GLY B 13 -0.07 9.77 4.94
N GLY B 14 0.73 10.77 4.63
CA GLY B 14 1.60 10.71 3.41
C GLY B 14 2.71 9.67 3.57
N VAL B 15 3.59 9.85 4.54
CA VAL B 15 4.73 8.89 4.74
C VAL B 15 4.20 7.50 5.07
N LEU B 16 3.23 7.42 5.96
CA LEU B 16 2.66 6.09 6.37
C LEU B 16 2.24 5.31 5.14
N ALA B 17 1.52 5.93 4.23
CA ALA B 17 1.07 5.22 2.99
C ALA B 17 2.24 5.06 2.03
N PHE B 18 3.13 6.04 1.98
CA PHE B 18 4.30 5.97 1.05
C PHE B 18 5.17 4.74 1.37
N TYR B 19 5.54 4.56 2.61
CA TYR B 19 6.42 3.40 2.98
C TYR B 19 5.64 2.09 2.86
N SER B 20 4.46 2.02 3.44
CA SER B 20 3.67 0.76 3.40
C SER B 20 3.32 0.36 1.96
N LEU B 21 2.92 1.32 1.13
CA LEU B 21 2.55 0.98 -0.27
C LEU B 21 3.77 0.60 -1.10
N LEU B 22 4.82 1.40 -1.05
CA LEU B 22 6.04 1.10 -1.86
C LEU B 22 6.77 -0.13 -1.36
N VAL B 23 6.88 -0.29 -0.06
CA VAL B 23 7.61 -1.47 0.51
C VAL B 23 6.77 -2.75 0.35
N THR B 24 5.50 -2.70 0.70
CA THR B 24 4.64 -3.92 0.59
C THR B 24 4.39 -4.30 -0.88
N VAL B 25 4.04 -3.35 -1.71
CA VAL B 25 3.77 -3.66 -3.15
C VAL B 25 5.06 -4.13 -3.82
N ALA B 26 6.14 -3.41 -3.63
CA ALA B 26 7.44 -3.80 -4.27
C ALA B 26 7.82 -5.21 -3.83
N PHE B 27 7.50 -5.59 -2.61
CA PHE B 27 7.86 -6.96 -2.11
C PHE B 27 7.06 -8.03 -2.86
N ILE B 28 5.76 -7.87 -2.96
CA ILE B 28 4.90 -8.90 -3.65
C ILE B 28 5.33 -9.08 -5.11
N ILE B 29 5.49 -8.00 -5.85
CA ILE B 29 5.90 -8.13 -7.29
C ILE B 29 7.24 -8.88 -7.35
N PHE B 30 8.23 -8.42 -6.61
CA PHE B 30 9.58 -9.08 -6.62
C PHE B 30 9.49 -10.47 -5.96
N TRP B 31 8.49 -10.70 -5.14
CA TRP B 31 8.35 -12.01 -4.43
C TRP B 31 8.02 -13.15 -5.43
N VAL B 32 7.12 -12.93 -6.36
CA VAL B 32 6.76 -14.02 -7.33
C VAL B 32 7.82 -14.16 -8.43
N ARG B 33 8.24 -13.07 -9.03
CA ARG B 33 9.25 -13.16 -10.14
C ARG B 33 10.55 -13.78 -9.63
N SER B 34 10.86 -13.60 -8.36
CA SER B 34 12.12 -14.17 -7.78
C SER B 34 12.20 -15.66 -8.09
N LYS B 35 11.20 -16.42 -7.69
CA LYS B 35 11.20 -17.89 -7.93
C LYS B 35 10.63 -18.22 -9.32
N ARG B 36 9.91 -17.29 -9.94
CA ARG B 36 9.32 -17.56 -11.30
C ARG B 36 10.39 -17.40 -12.39
N SER B 37 11.64 -17.24 -12.03
CA SER B 37 12.73 -17.08 -13.05
C SER B 37 12.94 -18.42 -13.76
N ARG B 38 12.04 -18.80 -14.64
CA ARG B 38 12.18 -20.09 -15.38
C ARG B 38 12.01 -19.83 -16.88
N LEU B 39 12.90 -19.06 -17.46
CA LEU B 39 12.83 -18.75 -18.91
C LEU B 39 14.10 -19.27 -19.62
N LEU B 40 14.67 -20.34 -19.11
CA LEU B 40 15.90 -20.92 -19.73
C LEU B 40 15.54 -22.22 -20.45
N HIS B 41 15.06 -22.12 -21.68
CA HIS B 41 14.67 -23.34 -22.47
C HIS B 41 13.54 -24.07 -21.75
N GLY A 1 -8.35 15.50 28.40
CA GLY A 1 -9.79 15.12 28.38
C GLY A 1 -10.06 14.19 27.18
N PRO A 2 -9.75 14.60 25.95
CA PRO A 2 -9.99 13.76 24.74
C PRO A 2 -8.87 12.75 24.49
N SER A 3 -8.16 12.35 25.53
CA SER A 3 -7.04 11.37 25.37
C SER A 3 -6.04 11.88 24.32
N LYS A 4 -5.90 13.19 24.20
CA LYS A 4 -4.94 13.79 23.22
C LYS A 4 -5.29 13.31 21.80
N PRO A 5 -4.70 13.92 20.76
CA PRO A 5 -4.97 13.52 19.34
C PRO A 5 -4.51 12.09 19.02
N PHE A 6 -3.88 11.42 19.96
CA PHE A 6 -3.40 10.03 19.72
C PHE A 6 -4.55 9.15 19.25
N TRP A 7 -5.75 9.40 19.74
CA TRP A 7 -6.94 8.57 19.33
C TRP A 7 -7.16 8.70 17.83
N VAL A 8 -7.35 9.92 17.35
CA VAL A 8 -7.60 10.16 15.89
C VAL A 8 -6.36 9.77 15.07
N LEU A 9 -5.19 9.82 15.66
CA LEU A 9 -3.93 9.45 14.91
C LEU A 9 -3.94 7.96 14.58
N VAL A 10 -4.33 7.14 15.53
CA VAL A 10 -4.35 5.66 15.31
C VAL A 10 -5.48 5.30 14.34
N VAL A 11 -6.63 5.90 14.49
CA VAL A 11 -7.79 5.59 13.59
C VAL A 11 -7.41 5.90 12.14
N VAL A 12 -6.81 7.04 11.88
CA VAL A 12 -6.43 7.39 10.48
C VAL A 12 -5.40 6.38 9.96
N GLY A 13 -4.34 6.15 10.70
CA GLY A 13 -3.28 5.18 10.25
C GLY A 13 -3.91 3.82 9.96
N GLY A 14 -4.88 3.42 10.75
CA GLY A 14 -5.54 2.08 10.56
C GLY A 14 -6.25 2.02 9.21
N VAL A 15 -7.32 2.77 9.04
CA VAL A 15 -8.08 2.73 7.75
C VAL A 15 -7.18 3.14 6.58
N LEU A 16 -6.45 4.22 6.74
CA LEU A 16 -5.55 4.73 5.65
C LEU A 16 -4.76 3.58 5.03
N ALA A 17 -4.13 2.76 5.84
CA ALA A 17 -3.34 1.61 5.30
C ALA A 17 -4.26 0.43 4.96
N PHE A 18 -5.44 0.37 5.55
CA PHE A 18 -6.36 -0.78 5.30
C PHE A 18 -7.02 -0.66 3.91
N TYR A 19 -7.61 0.47 3.58
CA TYR A 19 -8.28 0.59 2.25
C TYR A 19 -7.29 0.94 1.16
N SER A 20 -6.35 1.79 1.46
CA SER A 20 -5.34 2.20 0.43
C SER A 20 -4.44 1.02 0.06
N LEU A 21 -4.14 0.14 1.00
CA LEU A 21 -3.24 -1.01 0.69
C LEU A 21 -4.00 -2.13 -0.03
N LEU A 22 -5.15 -2.52 0.49
CA LEU A 22 -5.91 -3.64 -0.15
C LEU A 22 -6.48 -3.22 -1.50
N VAL A 23 -6.96 -2.00 -1.61
CA VAL A 23 -7.57 -1.53 -2.90
C VAL A 23 -6.47 -1.23 -3.93
N THR A 24 -5.44 -0.53 -3.55
CA THR A 24 -4.34 -0.16 -4.50
C THR A 24 -3.48 -1.38 -4.86
N VAL A 25 -3.13 -2.20 -3.89
CA VAL A 25 -2.27 -3.39 -4.17
C VAL A 25 -3.07 -4.41 -5.00
N ALA A 26 -4.31 -4.64 -4.64
CA ALA A 26 -5.15 -5.64 -5.39
C ALA A 26 -5.30 -5.22 -6.85
N PHE A 27 -5.46 -3.94 -7.09
CA PHE A 27 -5.64 -3.45 -8.49
C PHE A 27 -4.38 -3.66 -9.33
N ILE A 28 -3.23 -3.21 -8.85
CA ILE A 28 -1.96 -3.36 -9.65
C ILE A 28 -1.68 -4.85 -9.93
N ILE A 29 -1.77 -5.70 -8.93
CA ILE A 29 -1.48 -7.15 -9.14
C ILE A 29 -2.45 -7.70 -10.20
N PHE A 30 -3.70 -7.32 -10.14
CA PHE A 30 -4.71 -7.81 -11.14
C PHE A 30 -4.52 -7.10 -12.48
N TRP A 31 -3.98 -5.89 -12.48
CA TRP A 31 -3.80 -5.14 -13.76
C TRP A 31 -2.84 -5.91 -14.69
N VAL A 32 -1.70 -6.34 -14.20
CA VAL A 32 -0.74 -7.09 -15.07
C VAL A 32 -1.23 -8.53 -15.26
N ARG A 33 -1.83 -9.11 -14.25
CA ARG A 33 -2.35 -10.51 -14.38
C ARG A 33 -3.41 -10.56 -15.48
N SER A 34 -4.28 -9.57 -15.51
CA SER A 34 -5.35 -9.52 -16.56
C SER A 34 -4.70 -9.39 -17.93
N LYS A 35 -3.68 -8.57 -18.04
CA LYS A 35 -2.98 -8.37 -19.35
C LYS A 35 -2.46 -9.72 -19.85
N ARG A 36 -1.95 -10.54 -18.95
CA ARG A 36 -1.42 -11.88 -19.34
C ARG A 36 -2.18 -12.96 -18.57
N SER A 37 -3.42 -13.20 -18.95
CA SER A 37 -4.25 -14.22 -18.27
C SER A 37 -4.90 -15.10 -19.35
N ARG A 38 -5.89 -15.88 -18.98
CA ARG A 38 -6.58 -16.79 -19.97
C ARG A 38 -5.63 -17.91 -20.39
N LEU A 39 -5.03 -18.57 -19.41
CA LEU A 39 -4.08 -19.69 -19.72
C LEU A 39 -4.73 -21.01 -19.31
N LEU A 40 -5.09 -21.85 -20.26
CA LEU A 40 -5.73 -23.16 -19.92
C LEU A 40 -4.74 -24.01 -19.13
N HIS A 41 -3.50 -24.04 -19.56
CA HIS A 41 -2.46 -24.85 -18.86
C HIS A 41 -1.08 -24.25 -19.14
N GLY B 1 -7.77 29.37 17.44
CA GLY B 1 -7.45 27.94 17.70
C GLY B 1 -6.20 27.53 16.90
N PRO B 2 -4.99 27.74 17.42
CA PRO B 2 -3.74 27.38 16.70
C PRO B 2 -3.40 25.90 16.85
N SER B 3 -3.35 25.18 15.75
CA SER B 3 -3.02 23.71 15.80
C SER B 3 -2.81 23.21 14.38
N LYS B 4 -3.83 23.30 13.55
CA LYS B 4 -3.71 22.84 12.13
C LYS B 4 -3.24 21.35 12.11
N PRO B 5 -4.12 20.40 12.45
CA PRO B 5 -3.76 18.95 12.46
C PRO B 5 -3.78 18.33 11.06
N PHE B 6 -4.17 19.10 10.06
CA PHE B 6 -4.22 18.57 8.66
C PHE B 6 -2.81 18.27 8.16
N TRP B 7 -1.85 19.10 8.53
CA TRP B 7 -0.45 18.90 8.07
C TRP B 7 0.09 17.57 8.58
N VAL B 8 0.03 17.33 9.87
CA VAL B 8 0.56 16.04 10.45
C VAL B 8 -0.24 14.86 9.89
N LEU B 9 -1.51 15.06 9.68
CA LEU B 9 -2.37 13.95 9.15
C LEU B 9 -1.88 13.53 7.77
N VAL B 10 -1.48 14.48 6.94
CA VAL B 10 -0.99 14.16 5.56
C VAL B 10 0.46 13.66 5.64
N VAL B 11 1.29 14.31 6.43
CA VAL B 11 2.73 13.90 6.53
C VAL B 11 2.82 12.49 7.13
N VAL B 12 2.08 12.24 8.19
CA VAL B 12 2.11 10.89 8.87
C VAL B 12 1.46 9.84 7.95
N GLY B 13 0.28 10.14 7.44
CA GLY B 13 -0.43 9.17 6.55
C GLY B 13 0.28 9.03 5.22
N GLY B 14 0.99 10.05 4.79
CA GLY B 14 1.71 10.01 3.48
C GLY B 14 2.90 9.06 3.55
N VAL B 15 3.80 9.28 4.48
CA VAL B 15 5.01 8.41 4.59
C VAL B 15 4.60 6.96 4.87
N LEU B 16 3.67 6.76 5.77
CA LEU B 16 3.23 5.38 6.11
C LEU B 16 2.69 4.67 4.87
N ALA B 17 1.82 5.32 4.12
CA ALA B 17 1.25 4.69 2.89
C ALA B 17 2.32 4.53 1.81
N PHE B 18 3.15 5.53 1.61
CA PHE B 18 4.21 5.45 0.55
C PHE B 18 5.21 4.34 0.88
N TYR B 19 5.71 4.30 2.09
CA TYR B 19 6.71 3.26 2.49
C TYR B 19 6.09 1.87 2.35
N SER B 20 4.97 1.64 3.01
CA SER B 20 4.32 0.30 2.96
C SER B 20 3.89 -0.04 1.52
N LEU B 21 3.24 0.87 0.83
CA LEU B 21 2.77 0.60 -0.55
C LEU B 21 3.95 0.31 -1.49
N LEU B 22 4.99 1.09 -1.44
CA LEU B 22 6.16 0.87 -2.35
C LEU B 22 6.92 -0.42 -2.00
N VAL B 23 7.18 -0.64 -0.74
CA VAL B 23 7.95 -1.87 -0.33
C VAL B 23 7.07 -3.12 -0.47
N THR B 24 5.83 -3.05 -0.03
CA THR B 24 4.91 -4.23 -0.10
C THR B 24 4.61 -4.59 -1.55
N VAL B 25 4.24 -3.63 -2.37
CA VAL B 25 3.91 -3.92 -3.81
C VAL B 25 5.15 -4.53 -4.49
N ALA B 26 6.29 -3.93 -4.32
CA ALA B 26 7.54 -4.45 -4.97
C ALA B 26 7.87 -5.85 -4.42
N PHE B 27 7.40 -6.18 -3.24
CA PHE B 27 7.71 -7.51 -2.64
C PHE B 27 7.02 -8.65 -3.41
N ILE B 28 5.72 -8.56 -3.61
CA ILE B 28 5.00 -9.67 -4.34
C ILE B 28 5.39 -9.68 -5.83
N ILE B 29 5.43 -8.54 -6.46
CA ILE B 29 5.78 -8.50 -7.92
C ILE B 29 7.14 -9.16 -8.15
N PHE B 30 8.14 -8.82 -7.37
CA PHE B 30 9.50 -9.43 -7.57
C PHE B 30 9.48 -10.92 -7.20
N TRP B 31 8.71 -11.28 -6.19
CA TRP B 31 8.67 -12.71 -5.74
C TRP B 31 8.34 -13.63 -6.91
N VAL B 32 7.29 -13.36 -7.66
CA VAL B 32 6.93 -14.26 -8.81
C VAL B 32 7.81 -13.96 -10.03
N ARG B 33 8.28 -12.74 -10.17
CA ARG B 33 9.14 -12.38 -11.34
C ARG B 33 10.43 -13.20 -11.27
N SER B 34 11.03 -13.28 -10.11
CA SER B 34 12.31 -14.05 -9.96
C SER B 34 12.03 -15.55 -9.85
N LYS B 35 10.86 -15.92 -9.36
CA LYS B 35 10.52 -17.37 -9.21
C LYS B 35 10.48 -18.05 -10.58
N ARG B 36 9.98 -17.39 -11.59
CA ARG B 36 9.89 -18.01 -12.96
C ARG B 36 10.50 -17.06 -13.98
N SER B 37 11.82 -16.97 -14.03
CA SER B 37 12.49 -16.07 -15.00
C SER B 37 14.01 -16.32 -14.98
N ARG B 38 14.41 -17.56 -15.17
CA ARG B 38 15.87 -17.91 -15.18
C ARG B 38 16.38 -18.05 -16.63
N LEU B 39 15.56 -17.72 -17.62
CA LEU B 39 15.99 -17.84 -19.04
C LEU B 39 16.41 -19.29 -19.35
N LEU B 40 17.68 -19.63 -19.18
CA LEU B 40 18.14 -21.02 -19.46
C LEU B 40 17.79 -21.41 -20.91
N HIS B 41 16.64 -22.04 -21.14
CA HIS B 41 16.24 -22.44 -22.53
C HIS B 41 17.37 -23.22 -23.19
N GLY A 1 -12.40 19.80 22.45
CA GLY A 1 -11.21 19.21 23.13
C GLY A 1 -11.10 17.72 22.77
N PRO A 2 -10.38 17.36 21.69
CA PRO A 2 -10.23 15.92 21.29
C PRO A 2 -9.63 15.08 22.42
N SER A 3 -9.97 13.80 22.45
CA SER A 3 -9.44 12.90 23.51
C SER A 3 -8.25 12.12 22.96
N LYS A 4 -7.05 12.50 23.35
CA LYS A 4 -5.82 11.79 22.86
C LYS A 4 -5.79 11.85 21.32
N PRO A 5 -5.08 12.81 20.71
CA PRO A 5 -5.01 12.91 19.22
C PRO A 5 -4.25 11.74 18.59
N PHE A 6 -3.39 11.09 19.35
CA PHE A 6 -2.61 9.93 18.82
C PHE A 6 -3.56 8.84 18.36
N TRP A 7 -4.65 8.63 19.07
CA TRP A 7 -5.63 7.57 18.71
C TRP A 7 -6.11 7.82 17.27
N VAL A 8 -6.47 9.04 16.95
CA VAL A 8 -6.96 9.36 15.57
C VAL A 8 -5.82 9.17 14.57
N LEU A 9 -4.60 9.44 14.95
CA LEU A 9 -3.45 9.27 14.01
C LEU A 9 -3.31 7.80 13.62
N VAL A 10 -3.49 6.90 14.58
CA VAL A 10 -3.37 5.44 14.28
C VAL A 10 -4.60 4.93 13.55
N VAL A 11 -5.78 5.30 14.01
CA VAL A 11 -7.05 4.84 13.36
C VAL A 11 -7.13 5.41 11.94
N VAL A 12 -6.85 6.69 11.79
CA VAL A 12 -6.89 7.33 10.44
C VAL A 12 -5.81 6.71 9.54
N GLY A 13 -4.60 6.59 10.04
CA GLY A 13 -3.49 6.00 9.22
C GLY A 13 -3.76 4.52 8.95
N GLY A 14 -4.40 3.84 9.86
CA GLY A 14 -4.68 2.38 9.69
C GLY A 14 -5.64 2.15 8.52
N VAL A 15 -6.83 2.71 8.59
CA VAL A 15 -7.84 2.51 7.49
C VAL A 15 -7.30 3.04 6.16
N LEU A 16 -6.72 4.21 6.17
CA LEU A 16 -6.17 4.81 4.91
C LEU A 16 -5.16 3.86 4.29
N ALA A 17 -4.35 3.21 5.09
CA ALA A 17 -3.32 2.27 4.54
C ALA A 17 -3.96 0.95 4.13
N PHE A 18 -4.91 0.46 4.91
CA PHE A 18 -5.57 -0.84 4.59
C PHE A 18 -6.38 -0.72 3.29
N TYR A 19 -7.20 0.31 3.18
CA TYR A 19 -8.03 0.49 1.94
C TYR A 19 -7.12 0.75 0.74
N SER A 20 -6.24 1.71 0.83
CA SER A 20 -5.33 2.03 -0.31
C SER A 20 -4.49 0.81 -0.68
N LEU A 21 -3.95 0.13 0.31
CA LEU A 21 -3.08 -1.06 0.05
C LEU A 21 -3.88 -2.16 -0.65
N LEU A 22 -5.03 -2.52 -0.12
CA LEU A 22 -5.85 -3.62 -0.74
C LEU A 22 -6.41 -3.20 -2.09
N VAL A 23 -6.83 -1.96 -2.22
CA VAL A 23 -7.41 -1.48 -3.52
C VAL A 23 -6.34 -1.46 -4.62
N THR A 24 -5.17 -0.92 -4.33
CA THR A 24 -4.09 -0.82 -5.37
C THR A 24 -3.41 -2.17 -5.56
N VAL A 25 -2.99 -2.80 -4.48
CA VAL A 25 -2.31 -4.13 -4.60
C VAL A 25 -3.22 -5.12 -5.31
N ALA A 26 -4.50 -5.09 -5.04
CA ALA A 26 -5.45 -6.04 -5.70
C ALA A 26 -5.59 -5.70 -7.19
N PHE A 27 -5.72 -4.44 -7.52
CA PHE A 27 -5.88 -4.02 -8.95
C PHE A 27 -4.60 -4.29 -9.74
N ILE A 28 -3.47 -3.83 -9.25
CA ILE A 28 -2.17 -4.02 -9.97
C ILE A 28 -1.94 -5.52 -10.23
N ILE A 29 -2.10 -6.36 -9.23
CA ILE A 29 -1.87 -7.82 -9.43
C ILE A 29 -2.86 -8.33 -10.48
N PHE A 30 -4.10 -7.94 -10.39
CA PHE A 30 -5.13 -8.40 -11.38
C PHE A 30 -4.84 -7.80 -12.77
N TRP A 31 -4.20 -6.65 -12.83
CA TRP A 31 -3.89 -6.01 -14.15
C TRP A 31 -2.99 -6.93 -14.99
N VAL A 32 -1.91 -7.43 -14.42
CA VAL A 32 -1.00 -8.32 -15.23
C VAL A 32 -1.57 -9.74 -15.28
N ARG A 33 -2.44 -10.12 -14.37
CA ARG A 33 -3.03 -11.49 -14.39
C ARG A 33 -3.82 -11.68 -15.67
N SER A 34 -4.59 -10.68 -16.06
CA SER A 34 -5.42 -10.78 -17.30
C SER A 34 -4.51 -11.00 -18.51
N LYS A 35 -3.45 -10.25 -18.61
CA LYS A 35 -2.50 -10.41 -19.77
C LYS A 35 -1.79 -11.75 -19.66
N ARG A 36 -1.35 -12.09 -18.47
CA ARG A 36 -0.62 -13.37 -18.23
C ARG A 36 -1.62 -14.53 -18.14
N SER A 37 -2.51 -14.64 -19.11
CA SER A 37 -3.51 -15.74 -19.12
C SER A 37 -2.95 -16.87 -20.00
N ARG A 38 -3.80 -17.75 -20.49
CA ARG A 38 -3.35 -18.89 -21.38
C ARG A 38 -2.07 -19.55 -20.81
N LEU A 39 -0.90 -19.15 -21.26
CA LEU A 39 0.40 -19.74 -20.75
C LEU A 39 0.52 -21.18 -21.25
N LEU A 40 -0.29 -22.09 -20.75
CA LEU A 40 -0.23 -23.53 -21.18
C LEU A 40 1.15 -24.09 -20.84
N HIS A 41 1.31 -25.39 -20.89
CA HIS A 41 2.63 -26.02 -20.56
C HIS A 41 3.60 -25.81 -21.73
N GLY B 1 -3.86 24.96 21.86
CA GLY B 1 -2.83 25.03 20.78
C GLY B 1 -3.37 25.88 19.62
N PRO B 2 -2.60 26.09 18.55
CA PRO B 2 -3.07 26.90 17.38
C PRO B 2 -4.10 26.14 16.55
N SER B 3 -3.68 25.07 15.90
CA SER B 3 -4.62 24.25 15.06
C SER B 3 -3.80 23.11 14.39
N LYS B 4 -3.13 23.39 13.29
CA LYS B 4 -2.30 22.36 12.58
C LYS B 4 -3.06 21.00 12.48
N PRO B 5 -4.29 20.98 11.95
CA PRO B 5 -5.07 19.72 11.83
C PRO B 5 -4.64 18.88 10.63
N PHE B 6 -4.62 19.46 9.45
CA PHE B 6 -4.22 18.70 8.22
C PHE B 6 -2.69 18.61 8.13
N TRP B 7 -1.99 19.57 8.70
CA TRP B 7 -0.49 19.57 8.63
C TRP B 7 0.05 18.25 9.20
N VAL B 8 -0.27 17.95 10.44
CA VAL B 8 0.22 16.71 11.10
C VAL B 8 -0.47 15.45 10.51
N LEU B 9 -1.66 15.60 9.96
CA LEU B 9 -2.38 14.42 9.40
C LEU B 9 -1.65 13.82 8.21
N VAL B 10 -1.15 14.63 7.30
CA VAL B 10 -0.43 14.06 6.10
C VAL B 10 0.95 13.58 6.49
N VAL B 11 1.61 14.31 7.32
CA VAL B 11 3.01 13.94 7.74
C VAL B 11 3.03 12.54 8.36
N VAL B 12 2.10 12.22 9.24
CA VAL B 12 2.10 10.87 9.90
C VAL B 12 1.51 9.80 8.97
N GLY B 13 0.29 9.97 8.50
CA GLY B 13 -0.34 8.95 7.61
C GLY B 13 0.30 8.95 6.21
N GLY B 14 1.04 9.98 5.88
CA GLY B 14 1.69 10.07 4.53
C GLY B 14 2.96 9.23 4.53
N VAL B 15 3.83 9.46 5.50
CA VAL B 15 5.11 8.68 5.57
C VAL B 15 4.80 7.21 5.78
N LEU B 16 3.88 6.91 6.66
CA LEU B 16 3.51 5.49 6.94
C LEU B 16 3.00 4.82 5.67
N ALA B 17 2.12 5.47 4.95
CA ALA B 17 1.56 4.86 3.70
C ALA B 17 2.64 4.82 2.62
N PHE B 18 3.50 5.82 2.56
CA PHE B 18 4.56 5.84 1.51
C PHE B 18 5.50 4.65 1.69
N TYR B 19 6.07 4.47 2.86
CA TYR B 19 7.02 3.33 3.08
C TYR B 19 6.29 1.99 3.04
N SER B 20 5.15 1.91 3.68
CA SER B 20 4.37 0.63 3.71
C SER B 20 3.88 0.26 2.30
N LEU B 21 3.42 1.24 1.55
CA LEU B 21 2.91 0.96 0.17
C LEU B 21 4.06 0.68 -0.79
N LEU B 22 5.09 1.49 -0.75
CA LEU B 22 6.26 1.32 -1.67
C LEU B 22 6.98 -0.01 -1.43
N VAL B 23 7.21 -0.37 -0.18
CA VAL B 23 7.94 -1.64 0.12
C VAL B 23 7.01 -2.85 -0.08
N THR B 24 5.81 -2.79 0.47
CA THR B 24 4.87 -3.94 0.35
C THR B 24 4.47 -4.19 -1.10
N VAL B 25 4.12 -3.16 -1.84
CA VAL B 25 3.72 -3.35 -3.27
C VAL B 25 4.88 -3.99 -4.04
N ALA B 26 6.05 -3.40 -3.96
CA ALA B 26 7.24 -3.98 -4.68
C ALA B 26 7.49 -5.42 -4.24
N PHE B 27 7.00 -5.81 -3.08
CA PHE B 27 7.23 -7.20 -2.58
C PHE B 27 6.42 -8.21 -3.40
N ILE B 28 5.12 -8.01 -3.56
CA ILE B 28 4.29 -9.01 -4.34
C ILE B 28 4.73 -9.02 -5.81
N ILE B 29 4.94 -7.86 -6.40
CA ILE B 29 5.35 -7.83 -7.84
C ILE B 29 6.65 -8.65 -7.98
N PHE B 30 7.67 -8.32 -7.21
CA PHE B 30 8.96 -9.09 -7.28
C PHE B 30 8.77 -10.50 -6.74
N TRP B 31 7.79 -10.71 -5.89
CA TRP B 31 7.55 -12.07 -5.31
C TRP B 31 7.33 -13.07 -6.45
N VAL B 32 6.53 -12.72 -7.44
CA VAL B 32 6.29 -13.65 -8.59
C VAL B 32 7.41 -13.50 -9.64
N ARG B 33 7.90 -12.29 -9.85
CA ARG B 33 8.98 -12.07 -10.86
C ARG B 33 10.21 -12.90 -10.48
N SER B 34 10.51 -12.96 -9.21
CA SER B 34 11.71 -13.73 -8.75
C SER B 34 11.58 -15.19 -9.19
N LYS B 35 10.43 -15.79 -8.96
CA LYS B 35 10.22 -17.21 -9.36
C LYS B 35 10.18 -17.30 -10.88
N ARG B 36 9.57 -16.33 -11.54
CA ARG B 36 9.49 -16.33 -13.03
C ARG B 36 10.56 -15.40 -13.59
N SER B 37 11.75 -15.47 -13.05
CA SER B 37 12.87 -14.59 -13.54
C SER B 37 13.87 -15.45 -14.33
N ARG B 38 13.48 -15.91 -15.50
CA ARG B 38 14.38 -16.75 -16.34
C ARG B 38 14.15 -16.41 -17.82
N LEU B 39 14.89 -15.45 -18.35
CA LEU B 39 14.74 -15.06 -19.78
C LEU B 39 15.29 -16.17 -20.67
N LEU B 40 15.23 -15.97 -21.97
CA LEU B 40 15.74 -16.97 -22.98
C LEU B 40 15.49 -18.41 -22.52
N HIS B 41 14.37 -18.66 -21.87
CA HIS B 41 14.04 -20.03 -21.39
C HIS B 41 12.52 -20.21 -21.38
N GLY A 1 -5.59 21.10 25.24
CA GLY A 1 -5.07 20.27 24.12
C GLY A 1 -6.25 19.54 23.44
N PRO A 2 -6.08 19.04 22.21
CA PRO A 2 -7.16 18.32 21.49
C PRO A 2 -7.27 16.86 21.92
N SER A 3 -7.19 16.60 23.21
CA SER A 3 -7.29 15.20 23.73
C SER A 3 -6.18 14.34 23.10
N LYS A 4 -5.01 14.91 22.91
CA LYS A 4 -3.86 14.16 22.30
C LYS A 4 -4.23 13.71 20.87
N PRO A 5 -3.67 14.30 19.80
CA PRO A 5 -4.00 13.89 18.40
C PRO A 5 -3.53 12.46 18.08
N PHE A 6 -2.85 11.81 19.01
CA PHE A 6 -2.35 10.42 18.78
C PHE A 6 -3.51 9.52 18.37
N TRP A 7 -4.66 9.69 18.98
CA TRP A 7 -5.85 8.85 18.64
C TRP A 7 -6.29 9.10 17.20
N VAL A 8 -6.59 10.33 16.85
CA VAL A 8 -7.05 10.65 15.46
C VAL A 8 -5.99 10.22 14.43
N LEU A 9 -4.74 10.18 14.81
CA LEU A 9 -3.66 9.76 13.85
C LEU A 9 -3.77 8.27 13.56
N VAL A 10 -3.99 7.46 14.58
CA VAL A 10 -4.11 5.99 14.38
C VAL A 10 -5.41 5.66 13.65
N VAL A 11 -6.48 6.34 13.98
CA VAL A 11 -7.81 6.07 13.31
C VAL A 11 -7.68 6.32 11.81
N VAL A 12 -7.08 7.42 11.42
CA VAL A 12 -6.94 7.74 9.95
C VAL A 12 -5.87 6.83 9.33
N GLY A 13 -4.73 6.73 9.98
CA GLY A 13 -3.62 5.89 9.44
C GLY A 13 -4.02 4.41 9.37
N GLY A 14 -4.85 3.96 10.28
CA GLY A 14 -5.27 2.52 10.31
C GLY A 14 -6.27 2.21 9.18
N VAL A 15 -7.38 2.90 9.15
CA VAL A 15 -8.43 2.63 8.11
C VAL A 15 -7.87 2.78 6.70
N LEU A 16 -7.15 3.84 6.41
CA LEU A 16 -6.63 4.03 5.03
C LEU A 16 -5.56 2.97 4.71
N ALA A 17 -4.77 2.57 5.68
CA ALA A 17 -3.70 1.55 5.41
C ALA A 17 -4.33 0.27 4.86
N PHE A 18 -5.49 -0.10 5.35
CA PHE A 18 -6.15 -1.35 4.88
C PHE A 18 -6.81 -1.13 3.51
N TYR A 19 -7.65 -0.12 3.40
CA TYR A 19 -8.36 0.15 2.11
C TYR A 19 -7.38 0.59 1.02
N SER A 20 -6.38 1.35 1.37
CA SER A 20 -5.40 1.86 0.36
C SER A 20 -4.42 0.75 -0.04
N LEU A 21 -4.05 -0.10 0.88
CA LEU A 21 -3.08 -1.20 0.58
C LEU A 21 -3.78 -2.34 -0.16
N LEU A 22 -4.92 -2.77 0.33
CA LEU A 22 -5.65 -3.91 -0.33
C LEU A 22 -6.20 -3.49 -1.70
N VAL A 23 -6.74 -2.30 -1.82
CA VAL A 23 -7.32 -1.86 -3.14
C VAL A 23 -6.19 -1.53 -4.12
N THR A 24 -5.23 -0.73 -3.71
CA THR A 24 -4.11 -0.34 -4.63
C THR A 24 -3.26 -1.56 -5.01
N VAL A 25 -2.89 -2.37 -4.06
CA VAL A 25 -2.04 -3.57 -4.36
C VAL A 25 -2.85 -4.58 -5.19
N ALA A 26 -4.03 -4.95 -4.72
CA ALA A 26 -4.87 -5.94 -5.47
C ALA A 26 -5.11 -5.44 -6.89
N PHE A 27 -5.39 -4.17 -7.04
CA PHE A 27 -5.65 -3.58 -8.40
C PHE A 27 -4.47 -3.86 -9.33
N ILE A 28 -3.28 -3.48 -8.93
CA ILE A 28 -2.08 -3.69 -9.81
C ILE A 28 -1.95 -5.18 -10.16
N ILE A 29 -1.98 -6.05 -9.16
CA ILE A 29 -1.87 -7.51 -9.42
C ILE A 29 -3.00 -7.93 -10.38
N PHE A 30 -4.17 -7.36 -10.23
CA PHE A 30 -5.33 -7.74 -11.11
C PHE A 30 -5.12 -7.23 -12.54
N TRP A 31 -4.58 -6.05 -12.71
CA TRP A 31 -4.39 -5.49 -14.09
C TRP A 31 -3.55 -6.43 -14.97
N VAL A 32 -2.41 -6.89 -14.49
CA VAL A 32 -1.55 -7.79 -15.33
C VAL A 32 -2.06 -9.23 -15.27
N ARG A 33 -2.62 -9.64 -14.15
CA ARG A 33 -3.13 -11.05 -14.03
C ARG A 33 -4.31 -11.24 -14.98
N SER A 34 -5.18 -10.26 -15.09
CA SER A 34 -6.37 -10.37 -15.98
C SER A 34 -5.93 -10.34 -17.44
N LYS A 35 -5.17 -9.33 -17.82
CA LYS A 35 -4.71 -9.21 -19.24
C LYS A 35 -3.83 -10.41 -19.60
N ARG A 36 -2.95 -10.79 -18.69
CA ARG A 36 -2.05 -11.95 -18.94
C ARG A 36 -2.52 -13.15 -18.12
N SER A 37 -3.68 -13.67 -18.45
CA SER A 37 -4.24 -14.85 -17.73
C SER A 37 -3.96 -16.10 -18.57
N ARG A 38 -4.54 -17.20 -18.20
CA ARG A 38 -4.34 -18.49 -18.93
C ARG A 38 -2.86 -18.83 -18.96
N LEU A 39 -2.54 -20.02 -19.41
CA LEU A 39 -1.10 -20.45 -19.47
C LEU A 39 -1.01 -21.77 -20.23
N LEU A 40 -1.64 -22.81 -19.70
CA LEU A 40 -1.60 -24.15 -20.37
C LEU A 40 -2.84 -24.95 -19.94
N HIS A 41 -2.92 -25.30 -18.68
CA HIS A 41 -4.09 -26.09 -18.17
C HIS A 41 -5.38 -25.33 -18.48
N GLY B 1 -1.37 24.02 22.56
CA GLY B 1 -0.62 23.00 21.78
C GLY B 1 -0.17 23.59 20.44
N PRO B 2 0.36 22.79 19.52
CA PRO B 2 0.82 23.31 18.18
C PRO B 2 -0.36 23.71 17.28
N SER B 3 -1.54 23.23 17.57
CA SER B 3 -2.74 23.57 16.72
C SER B 3 -2.48 23.13 15.28
N LYS B 4 -1.98 21.92 15.11
CA LYS B 4 -1.68 21.40 13.73
C LYS B 4 -2.24 19.97 13.61
N PRO B 5 -3.57 19.81 13.51
CA PRO B 5 -4.20 18.46 13.37
C PRO B 5 -4.10 17.91 11.95
N PHE B 6 -4.49 18.72 10.98
CA PHE B 6 -4.43 18.26 9.55
C PHE B 6 -2.98 18.22 9.06
N TRP B 7 -2.14 19.10 9.56
CA TRP B 7 -0.71 19.13 9.12
C TRP B 7 -0.05 17.80 9.47
N VAL B 8 -0.12 17.41 10.71
CA VAL B 8 0.51 16.12 11.15
C VAL B 8 -0.19 14.95 10.46
N LEU B 9 -1.48 15.03 10.34
CA LEU B 9 -2.28 13.94 9.68
C LEU B 9 -1.69 13.61 8.30
N VAL B 10 -1.38 14.61 7.51
CA VAL B 10 -0.83 14.38 6.14
C VAL B 10 0.58 13.80 6.25
N VAL B 11 1.39 14.31 7.14
CA VAL B 11 2.80 13.82 7.29
C VAL B 11 2.79 12.36 7.77
N VAL B 12 1.98 12.04 8.75
CA VAL B 12 1.93 10.64 9.31
C VAL B 12 1.37 9.69 8.26
N GLY B 13 0.24 10.02 7.67
CA GLY B 13 -0.40 9.12 6.65
C GLY B 13 0.43 9.09 5.37
N GLY B 14 1.05 10.20 5.02
CA GLY B 14 1.87 10.26 3.76
C GLY B 14 3.03 9.27 3.83
N VAL B 15 3.81 9.32 4.89
CA VAL B 15 4.98 8.40 5.03
C VAL B 15 4.49 6.95 5.14
N LEU B 16 3.49 6.70 5.95
CA LEU B 16 2.97 5.31 6.14
C LEU B 16 2.52 4.73 4.79
N ALA B 17 1.78 5.50 4.02
CA ALA B 17 1.29 5.01 2.70
C ALA B 17 2.47 4.71 1.78
N PHE B 18 3.52 5.51 1.85
CA PHE B 18 4.72 5.30 0.98
C PHE B 18 5.47 4.05 1.42
N TYR B 19 5.88 3.99 2.68
CA TYR B 19 6.64 2.80 3.18
C TYR B 19 5.81 1.53 3.00
N SER B 20 4.55 1.57 3.35
CA SER B 20 3.68 0.36 3.24
C SER B 20 3.43 0.00 1.77
N LEU B 21 3.05 0.96 0.96
CA LEU B 21 2.75 0.67 -0.49
C LEU B 21 4.03 0.29 -1.23
N LEU B 22 5.10 1.00 -1.03
CA LEU B 22 6.37 0.72 -1.76
C LEU B 22 6.89 -0.67 -1.43
N VAL B 23 6.90 -1.03 -0.16
CA VAL B 23 7.42 -2.38 0.26
C VAL B 23 6.44 -3.48 -0.20
N THR B 24 5.17 -3.29 0.03
CA THR B 24 4.16 -4.34 -0.36
C THR B 24 4.15 -4.52 -1.88
N VAL B 25 4.07 -3.44 -2.63
CA VAL B 25 4.05 -3.56 -4.13
C VAL B 25 5.37 -4.18 -4.58
N ALA B 26 6.48 -3.65 -4.12
CA ALA B 26 7.82 -4.18 -4.52
C ALA B 26 7.97 -5.64 -4.10
N PHE B 27 7.20 -6.11 -3.15
CA PHE B 27 7.32 -7.53 -2.69
C PHE B 27 6.70 -8.48 -3.71
N ILE B 28 5.47 -8.26 -4.11
CA ILE B 28 4.81 -9.19 -5.09
C ILE B 28 5.54 -9.11 -6.45
N ILE B 29 5.87 -7.92 -6.90
CA ILE B 29 6.56 -7.77 -8.23
C ILE B 29 7.88 -8.57 -8.19
N PHE B 30 8.65 -8.43 -7.13
CA PHE B 30 9.95 -9.18 -7.03
C PHE B 30 9.70 -10.63 -6.58
N TRP B 31 8.58 -10.89 -5.95
CA TRP B 31 8.25 -12.27 -5.48
C TRP B 31 8.13 -13.21 -6.68
N VAL B 32 7.42 -12.81 -7.72
CA VAL B 32 7.27 -13.70 -8.92
C VAL B 32 8.50 -13.57 -9.82
N ARG B 33 9.07 -12.38 -9.93
CA ARG B 33 10.27 -12.18 -10.79
C ARG B 33 11.42 -13.05 -10.26
N SER B 34 11.59 -13.10 -8.96
CA SER B 34 12.68 -13.93 -8.36
C SER B 34 12.47 -15.38 -8.75
N LYS B 35 11.26 -15.87 -8.62
CA LYS B 35 10.96 -17.30 -8.99
C LYS B 35 11.10 -17.47 -10.50
N ARG B 36 10.77 -16.45 -11.26
CA ARG B 36 10.87 -16.52 -12.75
C ARG B 36 12.32 -16.22 -13.18
N SER B 37 13.27 -16.87 -12.54
CA SER B 37 14.71 -16.65 -12.88
C SER B 37 15.10 -17.67 -13.96
N ARG B 38 16.36 -18.02 -14.05
CA ARG B 38 16.85 -19.00 -15.08
C ARG B 38 16.59 -18.45 -16.49
N LEU B 39 15.38 -18.60 -17.01
CA LEU B 39 15.05 -18.09 -18.38
C LEU B 39 16.05 -18.66 -19.41
N LEU B 40 16.69 -19.77 -19.10
CA LEU B 40 17.66 -20.40 -20.05
C LEU B 40 17.19 -21.82 -20.38
N HIS B 41 17.34 -22.25 -21.61
CA HIS B 41 16.90 -23.64 -21.99
C HIS B 41 17.75 -24.11 -23.18
N GLY A 1 -6.60 16.19 28.67
CA GLY A 1 -8.05 16.51 28.59
C GLY A 1 -8.58 16.11 27.20
N PRO A 2 -8.25 16.85 26.14
CA PRO A 2 -8.72 16.53 24.76
C PRO A 2 -8.17 15.20 24.26
N SER A 3 -8.65 14.72 23.13
CA SER A 3 -8.16 13.42 22.57
C SER A 3 -6.66 13.51 22.34
N LYS A 4 -5.98 12.39 22.34
CA LYS A 4 -4.50 12.39 22.13
C LYS A 4 -4.20 12.23 20.62
N PRO A 5 -3.06 12.75 20.13
CA PRO A 5 -2.71 12.66 18.67
C PRO A 5 -2.47 11.22 18.19
N PHE A 6 -1.76 10.42 18.98
CA PHE A 6 -1.47 9.01 18.57
C PHE A 6 -2.76 8.23 18.36
N TRP A 7 -3.81 8.55 19.08
CA TRP A 7 -5.11 7.82 18.94
C TRP A 7 -5.70 8.07 17.56
N VAL A 8 -5.85 9.31 17.17
CA VAL A 8 -6.44 9.65 15.83
C VAL A 8 -5.47 9.24 14.72
N LEU A 9 -4.20 9.41 14.95
CA LEU A 9 -3.17 9.06 13.91
C LEU A 9 -3.30 7.59 13.51
N VAL A 10 -3.47 6.70 14.46
CA VAL A 10 -3.59 5.24 14.13
C VAL A 10 -4.91 4.98 13.41
N VAL A 11 -5.99 5.56 13.89
CA VAL A 11 -7.34 5.32 13.26
C VAL A 11 -7.33 5.89 11.83
N VAL A 12 -6.81 7.09 11.66
CA VAL A 12 -6.78 7.74 10.31
C VAL A 12 -5.77 7.01 9.41
N GLY A 13 -4.56 6.80 9.89
CA GLY A 13 -3.51 6.12 9.07
C GLY A 13 -3.89 4.67 8.80
N GLY A 14 -4.57 4.04 9.74
CA GLY A 14 -4.96 2.60 9.57
C GLY A 14 -5.98 2.43 8.44
N VAL A 15 -7.09 3.12 8.52
CA VAL A 15 -8.16 3.00 7.47
C VAL A 15 -7.63 3.44 6.10
N LEU A 16 -6.92 4.54 6.07
CA LEU A 16 -6.38 5.08 4.77
C LEU A 16 -5.41 4.06 4.13
N ALA A 17 -4.57 3.44 4.92
CA ALA A 17 -3.58 2.46 4.36
C ALA A 17 -4.28 1.17 3.91
N PHE A 18 -5.21 0.67 4.69
CA PHE A 18 -5.92 -0.60 4.33
C PHE A 18 -6.67 -0.44 3.00
N TYR A 19 -7.42 0.63 2.85
CA TYR A 19 -8.21 0.84 1.59
C TYR A 19 -7.29 1.16 0.42
N SER A 20 -6.35 2.06 0.60
CA SER A 20 -5.43 2.44 -0.53
C SER A 20 -4.64 1.23 -1.01
N LEU A 21 -4.22 0.35 -0.13
CA LEU A 21 -3.42 -0.84 -0.57
C LEU A 21 -4.33 -1.86 -1.24
N LEU A 22 -5.28 -2.41 -0.51
CA LEU A 22 -6.18 -3.47 -1.08
C LEU A 22 -6.76 -3.04 -2.44
N VAL A 23 -6.98 -1.76 -2.65
CA VAL A 23 -7.56 -1.29 -3.96
C VAL A 23 -6.48 -1.31 -5.06
N THR A 24 -5.39 -0.62 -4.86
CA THR A 24 -4.31 -0.57 -5.91
C THR A 24 -3.61 -1.92 -6.02
N VAL A 25 -3.36 -2.56 -4.90
CA VAL A 25 -2.67 -3.88 -4.90
C VAL A 25 -3.52 -4.89 -5.69
N ALA A 26 -4.79 -4.98 -5.38
CA ALA A 26 -5.69 -5.94 -6.10
C ALA A 26 -5.66 -5.66 -7.59
N PHE A 27 -5.56 -4.41 -7.98
CA PHE A 27 -5.55 -4.06 -9.44
C PHE A 27 -4.27 -4.55 -10.11
N ILE A 28 -3.12 -4.33 -9.50
CA ILE A 28 -1.83 -4.77 -10.14
C ILE A 28 -1.81 -6.30 -10.33
N ILE A 29 -2.13 -7.05 -9.30
CA ILE A 29 -2.12 -8.54 -9.42
C ILE A 29 -3.12 -8.96 -10.51
N PHE A 30 -4.29 -8.37 -10.51
CA PHE A 30 -5.32 -8.72 -11.54
C PHE A 30 -4.96 -8.11 -12.90
N TRP A 31 -4.14 -7.08 -12.93
CA TRP A 31 -3.76 -6.43 -14.22
C TRP A 31 -2.99 -7.43 -15.10
N VAL A 32 -2.03 -8.13 -14.53
CA VAL A 32 -1.23 -9.10 -15.33
C VAL A 32 -1.99 -10.41 -15.52
N ARG A 33 -2.70 -10.88 -14.50
CA ARG A 33 -3.46 -12.15 -14.62
C ARG A 33 -4.63 -11.97 -15.58
N SER A 34 -5.32 -10.86 -15.49
CA SER A 34 -6.49 -10.61 -16.40
C SER A 34 -6.01 -10.57 -17.85
N LYS A 35 -4.83 -10.02 -18.08
CA LYS A 35 -4.29 -9.94 -19.48
C LYS A 35 -4.13 -11.36 -20.03
N ARG A 36 -3.65 -12.28 -19.22
CA ARG A 36 -3.46 -13.69 -19.68
C ARG A 36 -4.48 -14.59 -18.98
N SER A 37 -5.75 -14.43 -19.33
CA SER A 37 -6.82 -15.26 -18.74
C SER A 37 -7.58 -15.99 -19.86
N ARG A 38 -6.90 -16.91 -20.51
CA ARG A 38 -7.53 -17.67 -21.64
C ARG A 38 -6.82 -19.04 -21.78
N LEU A 39 -6.66 -19.56 -22.99
CA LEU A 39 -5.99 -20.89 -23.18
C LEU A 39 -6.84 -21.97 -22.52
N LEU A 40 -6.53 -23.22 -22.79
CA LEU A 40 -7.32 -24.35 -22.20
C LEU A 40 -6.39 -25.52 -21.94
N HIS A 41 -5.23 -25.27 -21.37
CA HIS A 41 -4.24 -26.35 -21.07
C HIS A 41 -3.89 -27.08 -22.36
N GLY B 1 -7.35 26.59 16.96
CA GLY B 1 -6.39 27.19 17.94
C GLY B 1 -4.95 26.81 17.56
N PRO B 2 -3.98 26.93 18.47
CA PRO B 2 -2.56 26.56 18.16
C PRO B 2 -2.43 25.16 17.59
N SER B 3 -3.28 24.25 18.04
CA SER B 3 -3.23 22.84 17.53
C SER B 3 -3.51 22.83 16.03
N LYS B 4 -3.12 21.77 15.36
CA LYS B 4 -3.36 21.66 13.90
C LYS B 4 -3.41 20.16 13.51
N PRO B 5 -4.49 19.45 13.87
CA PRO B 5 -4.61 17.99 13.56
C PRO B 5 -4.54 17.70 12.06
N PHE B 6 -5.07 18.58 11.25
CA PHE B 6 -5.06 18.36 9.77
C PHE B 6 -3.62 18.28 9.25
N TRP B 7 -2.77 19.20 9.66
CA TRP B 7 -1.35 19.20 9.19
C TRP B 7 -0.63 17.95 9.68
N VAL B 8 -0.66 17.68 10.96
CA VAL B 8 0.04 16.48 11.52
C VAL B 8 -0.55 15.18 10.94
N LEU B 9 -1.81 15.19 10.56
CA LEU B 9 -2.45 13.96 10.00
C LEU B 9 -1.87 13.66 8.62
N VAL B 10 -1.69 14.66 7.79
CA VAL B 10 -1.16 14.44 6.41
C VAL B 10 0.31 14.01 6.48
N VAL B 11 1.10 14.63 7.32
CA VAL B 11 2.55 14.27 7.42
C VAL B 11 2.69 12.83 7.91
N VAL B 12 1.97 12.46 8.95
CA VAL B 12 2.07 11.06 9.51
C VAL B 12 1.43 10.06 8.53
N GLY B 13 0.23 10.35 8.07
CA GLY B 13 -0.48 9.43 7.13
C GLY B 13 0.25 9.35 5.79
N GLY B 14 0.88 10.43 5.39
CA GLY B 14 1.60 10.46 4.08
C GLY B 14 2.82 9.53 4.11
N VAL B 15 3.70 9.72 5.07
CA VAL B 15 4.94 8.87 5.15
C VAL B 15 4.57 7.40 5.37
N LEU B 16 3.64 7.13 6.27
CA LEU B 16 3.25 5.72 6.56
C LEU B 16 2.71 5.06 5.29
N ALA B 17 1.86 5.75 4.55
CA ALA B 17 1.28 5.16 3.29
C ALA B 17 2.36 5.01 2.23
N PHE B 18 3.28 5.95 2.14
CA PHE B 18 4.36 5.86 1.10
C PHE B 18 5.33 4.73 1.44
N TYR B 19 5.87 4.73 2.63
CA TYR B 19 6.84 3.65 3.03
C TYR B 19 6.17 2.29 2.94
N SER B 20 5.00 2.15 3.52
CA SER B 20 4.28 0.83 3.49
C SER B 20 3.97 0.43 2.05
N LEU B 21 3.50 1.36 1.25
CA LEU B 21 3.14 1.04 -0.17
C LEU B 21 4.39 0.65 -0.97
N LEU B 22 5.44 1.43 -0.89
CA LEU B 22 6.69 1.12 -1.66
C LEU B 22 7.29 -0.20 -1.16
N VAL B 23 7.28 -0.43 0.12
CA VAL B 23 7.89 -1.68 0.69
C VAL B 23 7.03 -2.90 0.33
N THR B 24 5.73 -2.84 0.51
CA THR B 24 4.85 -4.02 0.20
C THR B 24 4.72 -4.22 -1.31
N VAL B 25 4.48 -3.16 -2.04
CA VAL B 25 4.33 -3.28 -3.53
C VAL B 25 5.63 -3.85 -4.12
N ALA B 26 6.76 -3.32 -3.73
CA ALA B 26 8.06 -3.81 -4.27
C ALA B 26 8.29 -5.27 -3.88
N PHE B 27 7.94 -5.65 -2.67
CA PHE B 27 8.14 -7.06 -2.21
C PHE B 27 7.19 -8.00 -2.95
N ILE B 28 5.92 -7.72 -2.91
CA ILE B 28 4.90 -8.62 -3.57
C ILE B 28 5.19 -8.79 -5.07
N ILE B 29 5.40 -7.70 -5.80
CA ILE B 29 5.66 -7.84 -7.27
C ILE B 29 6.95 -8.66 -7.48
N PHE B 30 8.02 -8.31 -6.82
CA PHE B 30 9.31 -9.07 -6.99
C PHE B 30 9.22 -10.45 -6.34
N TRP B 31 8.31 -10.64 -5.42
CA TRP B 31 8.16 -11.96 -4.72
C TRP B 31 7.64 -13.00 -5.72
N VAL B 32 6.55 -12.73 -6.40
CA VAL B 32 6.00 -13.72 -7.40
C VAL B 32 6.72 -13.57 -8.73
N ARG B 33 7.11 -12.37 -9.11
CA ARG B 33 7.83 -12.16 -10.40
C ARG B 33 9.18 -12.86 -10.37
N SER B 34 9.85 -12.84 -9.23
CA SER B 34 11.18 -13.52 -9.11
C SER B 34 11.02 -15.01 -9.40
N LYS B 35 9.94 -15.59 -8.97
CA LYS B 35 9.69 -17.05 -9.22
C LYS B 35 9.67 -17.32 -10.73
N ARG B 36 9.09 -16.41 -11.49
CA ARG B 36 9.03 -16.60 -12.97
C ARG B 36 10.36 -16.16 -13.58
N SER B 37 11.46 -16.71 -13.09
CA SER B 37 12.80 -16.36 -13.62
C SER B 37 13.28 -17.51 -14.53
N ARG B 38 14.57 -17.82 -14.55
CA ARG B 38 15.08 -18.92 -15.42
C ARG B 38 14.67 -18.65 -16.88
N LEU B 39 15.35 -17.71 -17.51
CA LEU B 39 15.01 -17.38 -18.94
C LEU B 39 15.27 -18.60 -19.83
N LEU B 40 16.33 -19.33 -19.55
CA LEU B 40 16.65 -20.54 -20.37
C LEU B 40 15.45 -21.49 -20.41
N HIS B 41 14.63 -21.49 -19.37
CA HIS B 41 13.42 -22.38 -19.33
C HIS B 41 13.87 -23.83 -19.39
N GLY A 1 -9.79 16.64 30.22
CA GLY A 1 -8.92 15.46 29.91
C GLY A 1 -9.33 14.87 28.54
N PRO A 2 -9.13 15.59 27.44
CA PRO A 2 -9.49 15.09 26.08
C PRO A 2 -8.46 14.13 25.52
N SER A 3 -8.81 13.38 24.51
CA SER A 3 -7.85 12.41 23.89
C SER A 3 -6.76 13.18 23.16
N LYS A 4 -5.78 12.47 22.63
CA LYS A 4 -4.66 13.15 21.90
C LYS A 4 -4.78 12.82 20.40
N PRO A 5 -4.29 13.68 19.51
CA PRO A 5 -4.38 13.43 18.03
C PRO A 5 -3.67 12.13 17.61
N PHE A 6 -2.77 11.64 18.43
CA PHE A 6 -2.03 10.38 18.11
C PHE A 6 -3.01 9.23 18.00
N TRP A 7 -3.97 9.15 18.90
CA TRP A 7 -4.97 8.04 18.88
C TRP A 7 -5.74 8.06 17.55
N VAL A 8 -6.35 9.19 17.23
CA VAL A 8 -7.14 9.29 15.96
C VAL A 8 -6.21 9.13 14.75
N LEU A 9 -4.94 9.45 14.89
CA LEU A 9 -3.98 9.31 13.75
C LEU A 9 -3.81 7.84 13.39
N VAL A 10 -3.68 6.98 14.37
CA VAL A 10 -3.50 5.51 14.10
C VAL A 10 -4.77 4.98 13.43
N VAL A 11 -5.93 5.39 13.90
CA VAL A 11 -7.21 4.90 13.31
C VAL A 11 -7.30 5.36 11.85
N VAL A 12 -6.96 6.60 11.57
CA VAL A 12 -7.03 7.12 10.18
C VAL A 12 -6.00 6.39 9.30
N GLY A 13 -4.77 6.31 9.75
CA GLY A 13 -3.70 5.63 8.96
C GLY A 13 -4.00 4.14 8.82
N GLY A 14 -4.66 3.56 9.80
CA GLY A 14 -4.97 2.09 9.75
C GLY A 14 -5.98 1.81 8.63
N VAL A 15 -7.15 2.39 8.72
CA VAL A 15 -8.20 2.15 7.66
C VAL A 15 -7.70 2.65 6.31
N LEU A 16 -7.09 3.80 6.29
CA LEU A 16 -6.58 4.39 5.01
C LEU A 16 -5.68 3.39 4.30
N ALA A 17 -4.75 2.79 5.01
CA ALA A 17 -3.81 1.80 4.39
C ALA A 17 -4.55 0.49 4.13
N PHE A 18 -5.43 0.10 5.02
CA PHE A 18 -6.17 -1.19 4.87
C PHE A 18 -6.98 -1.16 3.56
N TYR A 19 -7.73 -0.11 3.31
CA TYR A 19 -8.57 -0.03 2.07
C TYR A 19 -7.69 0.31 0.87
N SER A 20 -6.83 1.29 1.01
CA SER A 20 -5.96 1.72 -0.14
C SER A 20 -5.02 0.59 -0.55
N LEU A 21 -4.58 -0.23 0.38
CA LEU A 21 -3.64 -1.34 0.05
C LEU A 21 -4.40 -2.52 -0.57
N LEU A 22 -5.45 -2.99 0.08
CA LEU A 22 -6.21 -4.16 -0.44
C LEU A 22 -6.86 -3.81 -1.80
N VAL A 23 -7.38 -2.63 -1.93
CA VAL A 23 -8.06 -2.22 -3.20
C VAL A 23 -7.03 -1.94 -4.30
N THR A 24 -6.04 -1.12 -4.03
CA THR A 24 -5.01 -0.78 -5.06
C THR A 24 -4.17 -2.00 -5.43
N VAL A 25 -3.75 -2.77 -4.46
CA VAL A 25 -2.91 -3.97 -4.75
C VAL A 25 -3.68 -4.92 -5.68
N ALA A 26 -4.87 -5.33 -5.29
CA ALA A 26 -5.66 -6.28 -6.16
C ALA A 26 -5.72 -5.76 -7.59
N PHE A 27 -5.94 -4.48 -7.77
CA PHE A 27 -6.02 -3.89 -9.15
C PHE A 27 -4.72 -4.19 -9.89
N ILE A 28 -3.59 -4.04 -9.23
CA ILE A 28 -2.27 -4.30 -9.89
C ILE A 28 -2.14 -5.80 -10.20
N ILE A 29 -2.55 -6.66 -9.28
CA ILE A 29 -2.43 -8.14 -9.52
C ILE A 29 -3.20 -8.50 -10.80
N PHE A 30 -4.40 -7.99 -10.94
CA PHE A 30 -5.23 -8.29 -12.15
C PHE A 30 -4.71 -7.51 -13.36
N TRP A 31 -4.07 -6.38 -13.14
CA TRP A 31 -3.56 -5.56 -14.29
C TRP A 31 -2.54 -6.37 -15.11
N VAL A 32 -1.57 -6.99 -14.46
CA VAL A 32 -0.54 -7.77 -15.20
C VAL A 32 -1.06 -9.18 -15.55
N ARG A 33 -1.84 -9.77 -14.68
CA ARG A 33 -2.38 -11.14 -14.95
C ARG A 33 -3.41 -11.09 -16.07
N SER A 34 -4.21 -10.05 -16.12
CA SER A 34 -5.26 -9.93 -17.18
C SER A 34 -4.60 -9.93 -18.56
N LYS A 35 -3.67 -9.03 -18.77
CA LYS A 35 -2.98 -8.95 -20.10
C LYS A 35 -2.00 -10.11 -20.25
N ARG A 36 -1.33 -10.49 -19.18
CA ARG A 36 -0.35 -11.62 -19.24
C ARG A 36 -1.03 -12.92 -18.80
N SER A 37 -2.29 -13.10 -19.15
CA SER A 37 -3.03 -14.34 -18.76
C SER A 37 -2.84 -15.42 -19.84
N ARG A 38 -1.81 -15.32 -20.66
CA ARG A 38 -1.56 -16.33 -21.72
C ARG A 38 -0.64 -17.43 -21.16
N LEU A 39 0.61 -17.09 -20.88
CA LEU A 39 1.59 -18.09 -20.31
C LEU A 39 2.04 -19.08 -21.38
N LEU A 40 1.10 -19.71 -22.07
CA LEU A 40 1.45 -20.73 -23.12
C LEU A 40 2.27 -21.88 -22.52
N HIS A 41 2.32 -21.99 -21.21
CA HIS A 41 3.09 -23.09 -20.55
C HIS A 41 4.54 -23.04 -21.02
N GLY B 1 -1.89 29.06 21.62
CA GLY B 1 -0.89 28.37 20.75
C GLY B 1 -1.62 27.58 19.66
N PRO B 2 -2.02 28.21 18.55
CA PRO B 2 -2.74 27.51 17.44
C PRO B 2 -2.16 26.12 17.15
N SER B 3 -0.87 26.04 16.89
CA SER B 3 -0.20 24.72 16.60
C SER B 3 -0.57 24.24 15.19
N LYS B 4 -1.84 24.17 14.89
CA LYS B 4 -2.29 23.70 13.54
C LYS B 4 -1.73 22.27 13.29
N PRO B 5 -2.47 21.22 13.66
CA PRO B 5 -2.01 19.81 13.46
C PRO B 5 -2.19 19.32 12.02
N PHE B 6 -2.76 20.14 11.15
CA PHE B 6 -2.99 19.73 9.72
C PHE B 6 -1.71 19.12 9.14
N TRP B 7 -0.56 19.69 9.46
CA TRP B 7 0.73 19.15 8.93
C TRP B 7 0.93 17.73 9.45
N VAL B 8 0.86 17.56 10.76
CA VAL B 8 1.05 16.21 11.36
C VAL B 8 0.00 15.23 10.81
N LEU B 9 -1.17 15.72 10.45
CA LEU B 9 -2.24 14.82 9.91
C LEU B 9 -1.84 14.29 8.52
N VAL B 10 -1.49 15.17 7.61
CA VAL B 10 -1.11 14.73 6.23
C VAL B 10 0.28 14.08 6.26
N VAL B 11 1.21 14.67 6.96
CA VAL B 11 2.61 14.14 7.03
C VAL B 11 2.61 12.73 7.63
N VAL B 12 1.87 12.50 8.69
CA VAL B 12 1.85 11.14 9.34
C VAL B 12 1.13 10.14 8.42
N GLY B 13 -0.08 10.45 8.00
CA GLY B 13 -0.85 9.51 7.13
C GLY B 13 -0.13 9.31 5.79
N GLY B 14 0.54 10.33 5.30
CA GLY B 14 1.24 10.24 3.99
C GLY B 14 2.40 9.24 4.05
N VAL B 15 3.36 9.46 4.92
CA VAL B 15 4.55 8.54 5.03
C VAL B 15 4.09 7.11 5.32
N LEU B 16 3.15 6.94 6.22
CA LEU B 16 2.68 5.57 6.58
C LEU B 16 2.17 4.87 5.33
N ALA B 17 1.38 5.55 4.53
CA ALA B 17 0.84 4.93 3.28
C ALA B 17 1.95 4.76 2.25
N PHE B 18 2.85 5.72 2.16
CA PHE B 18 3.97 5.64 1.17
C PHE B 18 4.88 4.45 1.47
N TYR B 19 5.41 4.37 2.67
CA TYR B 19 6.34 3.24 3.02
C TYR B 19 5.60 1.91 2.90
N SER B 20 4.45 1.79 3.50
CA SER B 20 3.68 0.51 3.44
C SER B 20 3.33 0.14 2.01
N LEU B 21 2.95 1.11 1.20
CA LEU B 21 2.56 0.83 -0.22
C LEU B 21 3.78 0.47 -1.06
N LEU B 22 4.84 1.26 -1.00
CA LEU B 22 6.05 0.97 -1.84
C LEU B 22 6.79 -0.26 -1.32
N VAL B 23 6.92 -0.39 -0.02
CA VAL B 23 7.66 -1.56 0.57
C VAL B 23 6.86 -2.86 0.37
N THR B 24 5.58 -2.84 0.65
CA THR B 24 4.75 -4.08 0.51
C THR B 24 4.54 -4.43 -0.97
N VAL B 25 4.16 -3.47 -1.78
CA VAL B 25 3.93 -3.74 -3.23
C VAL B 25 5.24 -4.18 -3.89
N ALA B 26 6.31 -3.46 -3.65
CA ALA B 26 7.62 -3.81 -4.27
C ALA B 26 8.05 -5.22 -3.85
N PHE B 27 7.73 -5.63 -2.65
CA PHE B 27 8.15 -6.99 -2.17
C PHE B 27 7.39 -8.09 -2.93
N ILE B 28 6.08 -8.01 -3.00
CA ILE B 28 5.29 -9.09 -3.70
C ILE B 28 5.59 -9.10 -5.20
N ILE B 29 5.53 -7.96 -5.87
CA ILE B 29 5.80 -7.91 -7.33
C ILE B 29 7.20 -8.48 -7.61
N PHE B 30 8.19 -8.08 -6.82
CA PHE B 30 9.58 -8.60 -7.04
C PHE B 30 9.70 -10.04 -6.56
N TRP B 31 8.85 -10.47 -5.65
CA TRP B 31 8.94 -11.87 -5.12
C TRP B 31 8.70 -12.87 -6.25
N VAL B 32 7.65 -12.70 -7.03
CA VAL B 32 7.37 -13.67 -8.13
C VAL B 32 8.24 -13.37 -9.36
N ARG B 33 8.47 -12.10 -9.66
CA ARG B 33 9.30 -11.73 -10.84
C ARG B 33 10.76 -12.12 -10.62
N SER B 34 11.23 -12.05 -9.39
CA SER B 34 12.65 -12.41 -9.10
C SER B 34 12.87 -13.89 -9.40
N LYS B 35 12.03 -14.74 -8.88
CA LYS B 35 12.16 -16.21 -9.12
C LYS B 35 11.85 -16.52 -10.58
N ARG B 36 10.83 -15.88 -11.13
CA ARG B 36 10.45 -16.13 -12.55
C ARG B 36 11.16 -15.13 -13.47
N SER B 37 12.26 -14.55 -13.03
CA SER B 37 13.02 -13.58 -13.87
C SER B 37 13.66 -14.32 -15.03
N ARG B 38 14.25 -15.47 -14.76
CA ARG B 38 14.91 -16.26 -15.83
C ARG B 38 13.96 -17.37 -16.29
N LEU B 39 13.13 -17.10 -17.28
CA LEU B 39 12.17 -18.13 -17.79
C LEU B 39 12.71 -18.72 -19.09
N LEU B 40 13.26 -19.92 -19.05
CA LEU B 40 13.81 -20.55 -20.29
C LEU B 40 13.75 -22.07 -20.14
N HIS B 41 13.69 -22.79 -21.25
CA HIS B 41 13.63 -24.29 -21.19
C HIS B 41 13.91 -24.87 -22.56
#